data_8SOU
#
_entry.id   8SOU
#
_cell.length_a   68.458
_cell.length_b   68.458
_cell.length_c   104.967
_cell.angle_alpha   90.000
_cell.angle_beta   90.000
_cell.angle_gamma   90.000
#
_symmetry.space_group_name_H-M   'P 43 21 2'
#
loop_
_entity.id
_entity.type
_entity.pdbx_description
1 polymer 'Proteinase K'
2 polymer ALA-ALA-ALA-SER-VAL-LYS
3 non-polymer 'SULFATE ION'
4 non-polymer 'CALCIUM ION'
5 water water
#
loop_
_entity_poly.entity_id
_entity_poly.type
_entity_poly.pdbx_seq_one_letter_code
_entity_poly.pdbx_strand_id
1 'polypeptide(L)'
;AAQTNAPWGLARISSTSPGTSTYYYDESAGQGSCVYVIDTGIEASHPEFEGRAQMVKTYYYSSRDGNGHGTHCAGTVGSR
TYGVAKKTQLFGVKVLDDNGSGQYSTIIAGMDFVASDKNNRNCPKGVVASLSLGGGYSSSVNSAAARLQSSGVMVAVAAG
NNNADARNYSPASEPSVCTVGASDRYDRRSSFSNYGSVLDIFGPGTDILSTWIGGSTRSISGTSMATPHVAGLAAYLMTL
GKTTAASACRYIADTANKGDLSNIPFGTVNLLAYNNYQA
;
A
2 'polypeptide(L)' AAASVK B
#
loop_
_chem_comp.id
_chem_comp.type
_chem_comp.name
_chem_comp.formula
CA non-polymer 'CALCIUM ION' 'Ca 2'
SO4 non-polymer 'SULFATE ION' 'O4 S -2'
#
# COMPACT_ATOMS: atom_id res chain seq x y z
N ALA A 1 -11.25 -2.27 -19.43
CA ALA A 1 -9.95 -2.56 -20.08
C ALA A 1 -9.40 -3.88 -19.56
N ALA A 2 -8.43 -4.43 -20.27
CA ALA A 2 -7.85 -5.72 -19.93
C ALA A 2 -6.37 -5.71 -20.26
N GLN A 3 -5.54 -6.04 -19.27
CA GLN A 3 -4.10 -6.21 -19.47
C GLN A 3 -3.80 -7.71 -19.44
N THR A 4 -3.47 -8.27 -20.60
N THR A 4 -3.47 -8.27 -20.60
N THR A 4 -3.47 -8.27 -20.60
CA THR A 4 -3.15 -9.69 -20.68
CA THR A 4 -3.17 -9.69 -20.65
CA THR A 4 -3.14 -9.69 -20.67
C THR A 4 -1.75 -9.95 -20.14
C THR A 4 -1.76 -9.95 -20.14
C THR A 4 -1.75 -9.94 -20.10
N ASN A 5 -1.55 -11.18 -19.66
CA ASN A 5 -0.25 -11.60 -19.12
C ASN A 5 0.29 -10.60 -18.10
N ALA A 6 -0.54 -10.27 -17.12
N ALA A 6 -0.54 -10.26 -17.13
N ALA A 6 -0.54 -10.26 -17.12
CA ALA A 6 -0.14 -9.38 -16.04
CA ALA A 6 -0.17 -9.32 -16.08
CA ALA A 6 -0.12 -9.38 -16.04
C ALA A 6 0.37 -10.19 -14.86
C ALA A 6 0.40 -10.06 -14.88
C ALA A 6 0.40 -10.19 -14.87
N PRO A 7 1.12 -9.56 -13.95
N PRO A 7 1.06 -9.35 -13.97
N PRO A 7 1.16 -9.57 -13.97
CA PRO A 7 1.56 -10.28 -12.74
CA PRO A 7 1.51 -10.01 -12.73
CA PRO A 7 1.62 -10.30 -12.78
C PRO A 7 0.38 -10.88 -12.01
C PRO A 7 0.33 -10.62 -12.00
C PRO A 7 0.43 -10.85 -12.00
N TRP A 8 0.64 -11.97 -11.27
N TRP A 8 0.59 -11.76 -11.34
N TRP A 8 0.67 -11.95 -11.29
CA TRP A 8 -0.45 -12.69 -10.63
CA TRP A 8 -0.52 -12.54 -10.80
CA TRP A 8 -0.44 -12.64 -10.62
C TRP A 8 -1.18 -11.83 -9.61
C TRP A 8 -1.33 -11.74 -9.79
C TRP A 8 -1.12 -11.75 -9.60
N GLY A 9 -0.48 -10.90 -8.96
N GLY A 9 -0.69 -10.82 -9.05
N GLY A 9 -0.38 -10.83 -8.99
CA GLY A 9 -1.12 -10.06 -7.97
CA GLY A 9 -1.41 -10.07 -8.04
CA GLY A 9 -0.98 -9.95 -7.99
C GLY A 9 -2.19 -9.17 -8.57
C GLY A 9 -2.40 -9.07 -8.61
C GLY A 9 -2.12 -9.12 -8.55
N LEU A 10 -1.91 -8.58 -9.73
N LEU A 10 -2.07 -8.47 -9.75
N LEU A 10 -1.88 -8.46 -9.69
CA LEU A 10 -2.90 -7.72 -10.37
CA LEU A 10 -3.03 -7.59 -10.42
CA LEU A 10 -2.94 -7.68 -10.31
C LEU A 10 -4.11 -8.52 -10.85
C LEU A 10 -4.23 -8.37 -10.92
C LEU A 10 -4.08 -8.57 -10.78
N ALA A 11 -3.87 -9.69 -11.46
N ALA A 11 -3.99 -9.54 -11.50
N ALA A 11 -3.75 -9.72 -11.37
CA ALA A 11 -4.98 -10.47 -11.98
CA ALA A 11 -5.10 -10.38 -11.94
CA ALA A 11 -4.80 -10.63 -11.80
C ALA A 11 -5.86 -11.01 -10.86
C ALA A 11 -5.97 -10.78 -10.76
C ALA A 11 -5.64 -11.11 -10.64
N ARG A 12 -5.31 -11.23 -9.67
N ARG A 12 -5.34 -11.09 -9.63
N ARG A 12 -5.03 -11.27 -9.45
CA ARG A 12 -6.08 -11.82 -8.58
CA ARG A 12 -6.11 -11.60 -8.49
CA ARG A 12 -5.76 -11.81 -8.32
C ARG A 12 -7.09 -10.82 -8.03
C ARG A 12 -7.06 -10.55 -7.93
C ARG A 12 -6.85 -10.86 -7.83
N ILE A 13 -6.66 -9.60 -7.75
N ILE A 13 -6.64 -9.28 -7.87
N ILE A 13 -6.59 -9.54 -7.89
CA ILE A 13 -7.54 -8.62 -7.12
CA ILE A 13 -7.50 -8.25 -7.30
CA ILE A 13 -7.51 -8.58 -7.27
C ILE A 13 -8.67 -8.17 -8.04
C ILE A 13 -8.58 -7.85 -8.29
C ILE A 13 -8.67 -8.19 -8.17
N SER A 14 -8.62 -8.50 -9.33
N SER A 14 -8.65 -8.51 -9.44
N SER A 14 -8.63 -8.51 -9.46
CA SER A 14 -9.69 -8.18 -10.25
CA SER A 14 -9.74 -8.35 -10.38
CA SER A 14 -9.76 -8.28 -10.36
C SER A 14 -10.55 -9.39 -10.59
C SER A 14 -10.38 -9.69 -10.71
C SER A 14 -10.59 -9.54 -10.58
N SER A 15 -10.45 -10.47 -9.81
N SER A 15 -10.35 -10.62 -9.75
N SER A 15 -10.32 -10.61 -9.82
CA SER A 15 -11.19 -11.69 -10.09
CA SER A 15 -10.84 -11.97 -9.95
CA SER A 15 -10.94 -11.90 -10.04
C SER A 15 -11.71 -12.26 -8.78
C SER A 15 -11.59 -12.44 -8.72
C SER A 15 -11.57 -12.42 -8.77
N THR A 16 -12.76 -13.08 -8.90
N THR A 16 -12.74 -13.09 -8.94
N THR A 16 -12.68 -13.15 -8.92
CA THR A 16 -13.33 -13.79 -7.76
CA THR A 16 -13.45 -13.79 -7.88
CA THR A 16 -13.27 -13.87 -7.80
C THR A 16 -12.73 -15.18 -7.57
C THR A 16 -12.85 -15.16 -7.59
C THR A 16 -12.46 -15.11 -7.47
N SER A 17 -11.90 -15.63 -8.49
N SER A 17 -11.88 -15.61 -8.38
N SER A 17 -12.04 -15.86 -8.49
CA SER A 17 -11.28 -16.95 -8.43
CA SER A 17 -11.28 -16.93 -8.22
CA SER A 17 -11.30 -17.10 -8.35
C SER A 17 -9.78 -16.84 -8.67
C SER A 17 -9.81 -16.85 -8.57
C SER A 17 -9.81 -16.88 -8.53
N PRO A 18 -8.99 -17.69 -8.04
N PRO A 18 -8.97 -17.67 -7.95
N PRO A 18 -8.98 -17.75 -8.00
CA PRO A 18 -7.54 -17.70 -8.31
CA PRO A 18 -7.53 -17.65 -8.29
CA PRO A 18 -7.54 -17.70 -8.29
C PRO A 18 -7.25 -18.38 -9.64
C PRO A 18 -7.25 -18.30 -9.64
C PRO A 18 -7.25 -18.36 -9.65
N GLY A 19 -5.98 -18.27 -10.05
CA GLY A 19 -5.56 -18.90 -11.29
C GLY A 19 -5.98 -18.20 -12.57
N THR A 20 -5.97 -16.87 -12.58
CA THR A 20 -6.19 -16.10 -13.79
C THR A 20 -4.97 -15.21 -14.02
N SER A 21 -4.81 -14.75 -15.25
N SER A 21 -4.84 -14.71 -15.24
N SER A 21 -4.80 -14.76 -15.26
CA SER A 21 -3.66 -13.93 -15.63
CA SER A 21 -3.65 -13.97 -15.65
CA SER A 21 -3.61 -14.02 -15.66
C SER A 21 -4.09 -12.79 -16.55
C SER A 21 -3.95 -12.56 -16.19
C SER A 21 -3.90 -12.68 -16.32
N THR A 22 -5.24 -12.18 -16.25
N THR A 22 -5.20 -12.25 -16.51
N THR A 22 -5.16 -12.26 -16.40
CA THR A 22 -5.68 -10.99 -16.95
CA THR A 22 -5.55 -10.94 -17.05
CA THR A 22 -5.51 -10.98 -16.99
C THR A 22 -6.24 -9.99 -15.94
C THR A 22 -6.03 -10.02 -15.94
C THR A 22 -5.97 -10.01 -15.91
N TYR A 23 -5.71 -8.78 -15.96
N TYR A 23 -5.54 -8.78 -15.97
N TYR A 23 -5.68 -8.73 -16.12
CA TYR A 23 -6.12 -7.73 -15.03
CA TYR A 23 -5.94 -7.74 -15.01
CA TYR A 23 -6.05 -7.65 -15.21
C TYR A 23 -7.20 -6.88 -15.69
C TYR A 23 -6.98 -6.85 -15.68
C TYR A 23 -7.17 -6.85 -15.86
N TYR A 24 -8.40 -6.91 -15.10
N TYR A 24 -8.22 -6.92 -15.20
N TYR A 24 -8.36 -6.88 -15.26
CA TYR A 24 -9.55 -6.16 -15.61
CA TYR A 24 -9.32 -6.10 -15.72
CA TYR A 24 -9.52 -6.14 -15.75
C TYR A 24 -9.71 -4.90 -14.76
C TYR A 24 -9.49 -4.88 -14.83
C TYR A 24 -9.73 -4.93 -14.86
N TYR A 25 -9.82 -3.76 -15.42
N TYR A 25 -9.80 -3.75 -15.45
N TYR A 25 -9.84 -3.75 -15.48
CA TYR A 25 -9.87 -2.49 -14.70
CA TYR A 25 -9.87 -2.49 -14.71
CA TYR A 25 -9.89 -2.50 -14.72
C TYR A 25 -10.50 -1.41 -15.57
C TYR A 25 -10.52 -1.42 -15.57
C TYR A 25 -10.52 -1.42 -15.58
N ASP A 26 -11.10 -0.42 -14.90
CA ASP A 26 -11.67 0.72 -15.60
C ASP A 26 -10.55 1.62 -16.13
N GLU A 27 -10.76 2.15 -17.33
CA GLU A 27 -9.70 2.90 -18.01
C GLU A 27 -9.34 4.19 -17.29
N SER A 28 -10.19 4.71 -16.39
CA SER A 28 -9.82 5.92 -15.67
C SER A 28 -8.54 5.70 -14.87
N ALA A 29 -8.32 4.48 -14.40
CA ALA A 29 -7.01 4.04 -13.89
C ALA A 29 -6.43 4.99 -12.84
N GLY A 30 -7.29 5.55 -12.00
CA GLY A 30 -6.80 6.38 -10.92
C GLY A 30 -6.36 7.77 -11.31
N GLN A 31 -6.73 8.23 -12.49
CA GLN A 31 -6.37 9.58 -12.93
C GLN A 31 -6.98 10.62 -11.99
N GLY A 32 -6.18 11.62 -11.65
N GLY A 32 -6.18 11.65 -11.68
N GLY A 32 -6.18 11.65 -11.68
CA GLY A 32 -6.62 12.66 -10.74
CA GLY A 32 -6.61 12.68 -10.78
CA GLY A 32 -6.65 12.72 -10.84
C GLY A 32 -6.46 12.33 -9.27
C GLY A 32 -6.35 12.40 -9.31
C GLY A 32 -6.48 12.49 -9.35
N SER A 33 -5.89 11.18 -8.93
N SER A 33 -5.85 11.22 -8.98
N SER A 33 -6.02 11.32 -8.94
CA SER A 33 -5.56 10.83 -7.55
CA SER A 33 -5.52 10.85 -7.61
CA SER A 33 -5.69 11.04 -7.56
C SER A 33 -4.05 10.82 -7.38
C SER A 33 -4.02 11.03 -7.37
C SER A 33 -4.18 11.07 -7.37
N CYS A 34 -3.61 11.03 -6.14
N CYS A 34 -3.65 10.96 -6.10
N CYS A 34 -3.75 10.92 -6.12
CA CYS A 34 -2.20 11.11 -5.80
CA CYS A 34 -2.26 11.07 -5.68
CA CYS A 34 -2.33 10.96 -5.78
C CYS A 34 -1.90 10.12 -4.68
C CYS A 34 -1.97 10.01 -4.63
C CYS A 34 -2.02 9.87 -4.76
N VAL A 35 -0.81 9.37 -4.83
N VAL A 35 -0.80 9.37 -4.73
N VAL A 35 -0.75 9.51 -4.67
CA VAL A 35 -0.39 8.40 -3.83
CA VAL A 35 -0.37 8.36 -3.77
CA VAL A 35 -0.28 8.50 -3.75
C VAL A 35 1.04 8.75 -3.40
C VAL A 35 1.03 8.73 -3.31
C VAL A 35 1.11 8.90 -3.26
N TYR A 36 1.19 9.07 -2.12
N TYR A 36 1.16 9.03 -2.02
N TYR A 36 1.30 8.94 -1.95
CA TYR A 36 2.50 9.27 -1.52
CA TYR A 36 2.47 9.24 -1.41
CA TYR A 36 2.57 9.25 -1.33
C TYR A 36 3.08 7.94 -1.08
C TYR A 36 3.07 7.89 -1.04
C TYR A 36 3.23 7.95 -0.89
N VAL A 37 4.29 7.64 -1.55
N VAL A 37 4.31 7.67 -1.43
N VAL A 37 4.42 7.68 -1.41
CA VAL A 37 5.02 6.45 -1.11
CA VAL A 37 5.04 6.44 -1.10
CA VAL A 37 5.16 6.45 -1.12
C VAL A 37 6.09 6.91 -0.13
C VAL A 37 6.10 6.84 -0.08
C VAL A 37 6.23 6.81 -0.09
N ILE A 38 6.01 6.43 1.10
N ILE A 38 5.80 6.62 1.20
N ILE A 38 5.93 6.57 1.17
CA ILE A 38 6.87 6.85 2.20
CA ILE A 38 6.67 7.00 2.30
CA ILE A 38 6.83 6.91 2.28
C ILE A 38 7.78 5.68 2.52
C ILE A 38 7.61 5.82 2.53
C ILE A 38 7.74 5.71 2.50
N ASP A 39 9.07 5.79 2.15
N ASP A 39 8.79 5.88 1.89
N ASP A 39 8.99 5.80 2.03
CA ASP A 39 9.93 4.63 2.07
CA ASP A 39 9.66 4.71 1.81
CA ASP A 39 9.83 4.62 1.93
C ASP A 39 11.39 5.02 1.80
C ASP A 39 11.10 5.15 1.60
C ASP A 39 11.29 5.06 1.75
N THR A 40 12.10 4.25 0.97
N THR A 40 11.91 4.31 0.95
N THR A 40 12.09 4.23 1.08
CA THR A 40 13.48 4.56 0.63
CA THR A 40 13.30 4.64 0.71
CA THR A 40 13.49 4.55 0.84
C THR A 40 13.60 5.52 -0.55
C THR A 40 13.50 5.58 -0.47
C THR A 40 13.69 5.50 -0.33
N GLY A 41 12.49 6.00 -1.09
N GLY A 41 12.42 6.07 -1.08
N GLY A 41 12.61 6.01 -0.92
CA GLY A 41 12.49 6.87 -2.25
CA GLY A 41 12.50 6.92 -2.25
CA GLY A 41 12.67 6.81 -2.12
C GLY A 41 11.90 6.18 -3.47
C GLY A 41 11.90 6.25 -3.47
C GLY A 41 12.18 6.02 -3.33
N ILE A 42 11.96 6.89 -4.60
N ILE A 42 11.97 6.97 -4.58
N ILE A 42 12.24 6.68 -4.49
CA ILE A 42 11.46 6.41 -5.88
CA ILE A 42 11.47 6.50 -5.87
CA ILE A 42 11.81 6.12 -5.76
C ILE A 42 12.46 6.79 -6.96
C ILE A 42 12.47 6.90 -6.94
C ILE A 42 12.83 6.50 -6.82
N GLU A 43 12.92 5.80 -7.73
N GLU A 43 12.81 5.94 -7.81
N GLU A 43 12.87 5.72 -7.89
CA GLU A 43 13.70 6.09 -8.92
CA GLU A 43 13.62 6.23 -9.00
CA GLU A 43 13.66 6.05 -9.08
C GLU A 43 12.78 6.64 -10.00
C GLU A 43 12.68 6.81 -10.06
C GLU A 43 12.70 6.70 -10.07
N ALA A 44 12.55 7.96 -9.98
N ALA A 44 12.46 8.12 -9.95
N ALA A 44 12.53 8.02 -9.94
CA ALA A 44 11.52 8.55 -10.83
CA ALA A 44 11.46 8.77 -10.80
CA ALA A 44 11.55 8.74 -10.74
C ALA A 44 11.84 8.39 -12.31
C ALA A 44 11.78 8.64 -12.29
C ALA A 44 11.81 8.63 -12.24
N SER A 45 13.12 8.35 -12.67
N SER A 45 13.03 8.39 -12.65
N SER A 45 13.04 8.36 -12.64
CA SER A 45 13.50 8.29 -14.08
CA SER A 45 13.44 8.31 -14.04
CA SER A 45 13.41 8.30 -14.05
C SER A 45 13.08 6.98 -14.73
C SER A 45 13.27 6.91 -14.62
C SER A 45 13.25 6.90 -14.64
N HIS A 46 12.69 5.98 -13.95
N HIS A 46 12.62 6.01 -13.90
N HIS A 46 12.62 5.98 -13.92
CA HIS A 46 12.36 4.67 -14.50
CA HIS A 46 12.35 4.68 -14.44
CA HIS A 46 12.35 4.65 -14.45
C HIS A 46 11.37 4.83 -15.65
C HIS A 46 11.27 4.79 -15.52
C HIS A 46 11.28 4.75 -15.53
N PRO A 47 11.58 4.15 -16.79
N PRO A 47 11.52 4.34 -16.76
N PRO A 47 11.54 4.32 -16.77
CA PRO A 47 10.61 4.29 -17.89
CA PRO A 47 10.52 4.54 -17.82
CA PRO A 47 10.54 4.52 -17.84
C PRO A 47 9.20 3.91 -17.51
C PRO A 47 9.14 4.03 -17.46
C PRO A 47 9.14 4.04 -17.48
N GLU A 48 9.02 3.01 -16.55
N GLU A 48 9.02 3.06 -16.56
N GLU A 48 9.01 3.05 -16.60
CA GLU A 48 7.70 2.50 -16.21
CA GLU A 48 7.71 2.51 -16.21
CA GLU A 48 7.69 2.53 -16.25
C GLU A 48 6.81 3.55 -15.53
C GLU A 48 6.82 3.52 -15.51
C GLU A 48 6.82 3.53 -15.51
N PHE A 49 7.37 4.63 -15.02
CA PHE A 49 6.57 5.66 -14.36
C PHE A 49 6.06 6.72 -15.31
N GLU A 50 6.60 6.76 -16.53
N GLU A 50 6.66 6.84 -16.50
CA GLU A 50 6.07 7.60 -17.60
CA GLU A 50 6.13 7.71 -17.56
C GLU A 50 6.18 9.08 -17.28
C GLU A 50 6.01 9.16 -17.08
N GLY A 51 7.01 9.46 -16.31
N GLY A 51 6.95 9.60 -16.26
CA GLY A 51 7.02 10.83 -15.84
CA GLY A 51 6.99 10.99 -15.82
C GLY A 51 5.86 11.16 -14.94
C GLY A 51 6.01 11.36 -14.73
N ARG A 52 5.32 10.18 -14.23
N ARG A 52 5.17 10.43 -14.27
CA ARG A 52 4.23 10.38 -13.29
CA ARG A 52 4.18 10.71 -13.25
C ARG A 52 4.67 10.22 -11.83
C ARG A 52 4.75 10.68 -11.83
N ALA A 53 5.96 10.03 -11.59
N ALA A 53 6.01 10.29 -11.66
CA ALA A 53 6.50 9.89 -10.25
CA ALA A 53 6.63 10.20 -10.36
C ALA A 53 7.48 11.02 -9.98
C ALA A 53 7.58 11.36 -10.13
N GLN A 54 7.49 11.51 -8.75
N GLN A 54 7.74 11.74 -8.86
CA GLN A 54 8.33 12.64 -8.38
CA GLN A 54 8.81 12.67 -8.50
C GLN A 54 8.75 12.48 -6.93
C GLN A 54 9.03 12.60 -7.00
N MET A 55 10.01 12.82 -6.65
N MET A 55 10.25 12.92 -6.59
CA MET A 55 10.46 12.97 -5.28
CA MET A 55 10.65 12.97 -5.19
C MET A 55 10.11 14.37 -4.79
C MET A 55 10.36 14.37 -4.65
N VAL A 56 9.60 14.44 -3.57
CA VAL A 56 9.21 15.72 -2.98
C VAL A 56 9.88 15.98 -1.64
N LYS A 57 10.43 14.97 -0.97
CA LYS A 57 11.05 15.23 0.33
C LYS A 57 12.01 14.11 0.68
N THR A 58 13.15 14.49 1.27
N THR A 58 13.16 14.50 1.25
CA THR A 58 14.09 13.54 1.83
CA THR A 58 14.12 13.58 1.83
C THR A 58 14.67 14.10 3.11
C THR A 58 14.55 14.12 3.18
N TYR A 59 14.96 13.21 4.06
CA TYR A 59 15.53 13.56 5.35
C TYR A 59 16.99 13.10 5.43
N TYR A 60 17.60 12.83 4.30
N TYR A 60 17.60 12.85 4.29
CA TYR A 60 19.00 12.41 4.20
CA TYR A 60 18.99 12.42 4.20
C TYR A 60 19.70 13.29 3.19
C TYR A 60 19.70 13.29 3.18
N TYR A 61 21.02 13.10 3.08
CA TYR A 61 21.81 13.90 2.16
C TYR A 61 21.39 13.73 0.70
N SER A 62 20.69 12.65 0.37
N SER A 62 20.71 12.63 0.37
N SER A 62 20.70 12.63 0.38
CA SER A 62 20.28 12.35 -0.98
CA SER A 62 20.30 12.35 -0.99
CA SER A 62 20.29 12.35 -0.98
C SER A 62 18.78 12.08 -1.04
C SER A 62 18.81 11.99 -1.01
C SER A 62 18.81 11.98 -0.99
N SER A 63 18.20 12.34 -2.20
N SER A 63 18.17 12.29 -2.13
N SER A 63 18.15 12.28 -2.11
CA SER A 63 16.79 12.05 -2.46
CA SER A 63 16.77 11.96 -2.35
CA SER A 63 16.74 11.93 -2.31
C SER A 63 16.60 10.82 -3.33
C SER A 63 16.58 10.73 -3.23
C SER A 63 16.57 10.72 -3.22
N ARG A 64 17.67 10.12 -3.68
CA ARG A 64 17.58 8.97 -4.56
C ARG A 64 17.32 7.70 -3.76
N ASP A 65 16.69 6.73 -4.44
N ASP A 65 16.66 6.74 -4.42
N ASP A 65 16.67 6.74 -4.42
CA ASP A 65 16.42 5.42 -3.85
CA ASP A 65 16.49 5.42 -3.86
CA ASP A 65 16.42 5.42 -3.85
C ASP A 65 17.62 4.53 -4.13
C ASP A 65 17.75 4.61 -4.13
C ASP A 65 17.62 4.54 -4.17
N GLY A 66 18.58 4.53 -3.20
N GLY A 66 18.54 4.36 -3.10
N GLY A 66 18.58 4.50 -3.26
CA GLY A 66 19.75 3.69 -3.33
CA GLY A 66 19.72 3.53 -3.23
CA GLY A 66 19.74 3.64 -3.42
C GLY A 66 19.53 2.29 -2.77
C GLY A 66 19.49 2.09 -2.84
C GLY A 66 19.52 2.26 -2.86
N ASN A 67 18.27 1.88 -2.70
N ASN A 67 18.30 1.80 -2.29
N ASN A 67 18.26 1.81 -2.85
CA ASN A 67 17.91 0.57 -2.15
CA ASN A 67 17.97 0.47 -1.80
CA ASN A 67 17.89 0.53 -2.27
C ASN A 67 17.12 -0.27 -3.16
C ASN A 67 17.11 -0.34 -2.76
C ASN A 67 17.09 -0.30 -3.28
N GLY A 68 15.96 0.22 -3.60
N GLY A 68 16.09 0.28 -3.34
N GLY A 68 15.90 0.18 -3.63
CA GLY A 68 15.11 -0.48 -4.55
CA GLY A 68 15.18 -0.39 -4.26
CA GLY A 68 15.04 -0.53 -4.56
C GLY A 68 13.73 -0.80 -3.99
C GLY A 68 13.82 -0.67 -3.67
C GLY A 68 13.64 -0.72 -4.02
N HIS A 69 13.63 -0.94 -2.66
N HIS A 69 13.69 -0.70 -2.34
N HIS A 69 13.53 -0.89 -2.70
CA HIS A 69 12.34 -1.27 -2.05
CA HIS A 69 12.44 -1.08 -1.70
CA HIS A 69 12.25 -1.19 -2.08
C HIS A 69 11.30 -0.20 -2.34
C HIS A 69 11.31 -0.14 -2.11
C HIS A 69 11.22 -0.12 -2.39
N GLY A 70 11.66 1.07 -2.13
N GLY A 70 11.56 1.16 -2.06
N GLY A 70 11.57 1.14 -2.12
CA GLY A 70 10.73 2.15 -2.41
CA GLY A 70 10.51 2.11 -2.39
CA GLY A 70 10.63 2.22 -2.39
C GLY A 70 10.27 2.16 -3.85
C GLY A 70 10.13 2.11 -3.86
C GLY A 70 10.18 2.28 -3.84
N THR A 71 11.20 1.98 -4.78
N THR A 71 11.11 1.91 -4.75
N THR A 71 11.10 1.99 -4.76
CA THR A 71 10.83 1.91 -6.20
CA THR A 71 10.82 1.88 -6.17
CA THR A 71 10.74 1.94 -6.18
C THR A 71 9.96 0.70 -6.47
C THR A 71 9.89 0.72 -6.52
C THR A 71 9.88 0.72 -6.49
N HIS A 72 10.19 -0.41 -5.76
N HIS A 72 10.10 -0.43 -5.88
N HIS A 72 10.17 -0.40 -5.82
CA HIS A 72 9.39 -1.61 -5.96
CA HIS A 72 9.23 -1.57 -6.10
CA HIS A 72 9.34 -1.60 -5.97
C HIS A 72 7.94 -1.36 -5.56
C HIS A 72 7.81 -1.28 -5.61
C HIS A 72 7.90 -1.31 -5.57
N CYS A 73 7.72 -0.73 -4.40
N CYS A 73 7.70 -0.72 -4.41
N CYS A 73 7.70 -0.72 -4.40
CA CYS A 73 6.36 -0.46 -3.94
CA CYS A 73 6.38 -0.40 -3.86
CA CYS A 73 6.36 -0.45 -3.93
C CYS A 73 5.66 0.52 -4.86
C CYS A 73 5.63 0.58 -4.75
C CYS A 73 5.65 0.54 -4.84
N ALA A 74 6.32 1.62 -5.21
CA ALA A 74 5.71 2.61 -6.09
C ALA A 74 5.29 1.97 -7.42
N GLY A 75 6.09 1.04 -7.93
N GLY A 75 6.08 1.01 -7.89
CA GLY A 75 5.73 0.36 -9.16
CA GLY A 75 5.73 0.30 -9.11
C GLY A 75 4.42 -0.38 -9.05
C GLY A 75 4.41 -0.44 -8.98
N THR A 76 4.20 -1.08 -7.94
N THR A 76 4.15 -1.02 -7.81
CA THR A 76 2.95 -1.81 -7.76
CA THR A 76 2.91 -1.77 -7.63
C THR A 76 1.78 -0.86 -7.56
C THR A 76 1.70 -0.85 -7.56
N VAL A 77 2.04 0.34 -7.04
N VAL A 77 1.88 0.37 -7.03
CA VAL A 77 0.98 1.34 -6.92
CA VAL A 77 0.80 1.34 -7.06
C VAL A 77 0.46 1.73 -8.30
C VAL A 77 0.51 1.80 -8.48
N GLY A 78 1.36 2.17 -9.19
N GLY A 78 1.55 2.27 -9.18
CA GLY A 78 0.90 2.81 -10.41
CA GLY A 78 1.30 3.06 -10.37
C GLY A 78 1.79 2.78 -11.64
C GLY A 78 2.26 2.95 -11.54
N SER A 79 2.76 1.88 -11.72
N SER A 79 3.03 1.87 -11.64
CA SER A 79 3.52 1.77 -12.96
CA SER A 79 3.84 1.69 -12.83
C SER A 79 2.62 1.21 -14.06
C SER A 79 2.97 1.26 -14.01
N ARG A 80 3.04 1.43 -15.31
N ARG A 80 3.42 1.62 -15.19
CA ARG A 80 2.20 1.02 -16.43
CA ARG A 80 2.62 1.42 -16.41
C ARG A 80 1.99 -0.49 -16.46
C ARG A 80 2.29 -0.04 -16.63
N THR A 81 3.08 -1.26 -16.38
N THR A 81 3.23 -0.95 -16.34
CA THR A 81 2.99 -2.71 -16.52
CA THR A 81 3.03 -2.37 -16.61
C THR A 81 2.68 -3.41 -15.21
C THR A 81 2.60 -3.15 -15.37
N TYR A 82 3.18 -2.89 -14.08
N TYR A 82 3.13 -2.81 -14.20
CA TYR A 82 3.13 -3.61 -12.81
CA TYR A 82 2.97 -3.62 -13.00
C TYR A 82 2.29 -2.92 -11.75
C TYR A 82 2.02 -3.01 -11.98
N GLY A 83 1.62 -1.82 -12.10
N GLY A 83 1.42 -1.86 -12.28
CA GLY A 83 0.86 -1.06 -11.13
CA GLY A 83 0.71 -1.09 -11.28
C GLY A 83 -0.64 -1.29 -11.22
C GLY A 83 -0.81 -1.23 -11.32
N VAL A 84 -1.34 -0.94 -10.14
N VAL A 84 -1.42 -0.99 -10.15
CA VAL A 84 -2.79 -1.08 -10.08
CA VAL A 84 -2.87 -1.06 -10.03
C VAL A 84 -3.48 0.13 -10.69
C VAL A 84 -3.52 0.17 -10.67
N ALA A 85 -3.03 1.33 -10.32
N ALA A 85 -3.02 1.36 -10.34
CA ALA A 85 -3.60 2.60 -10.79
CA ALA A 85 -3.59 2.63 -10.79
C ALA A 85 -2.60 3.21 -11.77
C ALA A 85 -2.61 3.25 -11.77
N LYS A 86 -2.74 2.86 -13.05
CA LYS A 86 -1.73 3.19 -14.05
C LYS A 86 -1.68 4.66 -14.44
N LYS A 87 -2.61 5.49 -13.97
CA LYS A 87 -2.60 6.91 -14.31
C LYS A 87 -2.50 7.81 -13.09
N THR A 88 -2.21 7.27 -11.91
N THR A 88 -2.20 7.26 -11.91
CA THR A 88 -2.13 8.08 -10.70
CA THR A 88 -2.09 8.07 -10.72
C THR A 88 -0.81 8.84 -10.66
C THR A 88 -0.79 8.88 -10.75
N GLN A 89 -0.75 9.83 -9.78
N GLN A 89 -0.72 9.89 -9.89
CA GLN A 89 0.48 10.55 -9.50
CA GLN A 89 0.51 10.65 -9.66
C GLN A 89 1.20 9.87 -8.34
C GLN A 89 1.12 10.19 -8.35
N LEU A 90 2.52 9.79 -8.43
N LEU A 90 2.40 9.83 -8.40
CA LEU A 90 3.35 9.16 -7.41
CA LEU A 90 3.12 9.31 -7.23
C LEU A 90 4.31 10.18 -6.82
C LEU A 90 4.10 10.36 -6.72
N PHE A 91 4.18 10.44 -5.52
N PHE A 91 4.20 10.46 -5.40
CA PHE A 91 5.05 11.33 -4.79
CA PHE A 91 5.10 11.40 -4.73
C PHE A 91 5.95 10.50 -3.87
C PHE A 91 5.93 10.63 -3.71
N GLY A 92 7.23 10.88 -3.81
N GLY A 92 7.25 10.66 -3.86
CA GLY A 92 8.19 10.15 -3.00
CA GLY A 92 8.13 9.95 -2.96
C GLY A 92 8.71 10.92 -1.82
C GLY A 92 8.57 10.79 -1.77
N VAL A 93 8.50 10.38 -0.62
N VAL A 93 8.73 10.11 -0.63
CA VAL A 93 9.10 10.88 0.61
CA VAL A 93 9.14 10.72 0.62
C VAL A 93 10.07 9.82 1.10
C VAL A 93 10.13 9.78 1.27
N LYS A 94 11.32 10.22 1.33
N LYS A 94 11.42 10.14 1.23
CA LYS A 94 12.39 9.29 1.72
CA LYS A 94 12.49 9.25 1.68
C LYS A 94 12.66 9.47 3.21
C LYS A 94 12.65 9.42 3.19
N VAL A 95 12.07 8.59 4.03
N VAL A 95 12.02 8.52 3.96
CA VAL A 95 12.35 8.57 5.45
CA VAL A 95 12.15 8.51 5.40
C VAL A 95 13.25 7.39 5.86
C VAL A 95 13.11 7.43 5.90
N LEU A 96 13.54 6.48 4.94
N LEU A 96 13.52 6.51 5.02
CA LEU A 96 14.42 5.35 5.20
CA LEU A 96 14.48 5.47 5.37
C LEU A 96 15.74 5.55 4.46
C LEU A 96 15.74 5.65 4.54
N ASP A 97 16.84 5.21 5.12
N ASP A 97 16.88 5.28 5.12
CA ASP A 97 18.14 5.27 4.46
CA ASP A 97 18.13 5.37 4.38
C ASP A 97 18.23 4.16 3.42
C ASP A 97 18.28 4.14 3.49
N ASP A 98 19.34 4.13 2.68
CA ASP A 98 19.52 3.11 1.67
C ASP A 98 19.80 1.73 2.26
N ASN A 99 19.98 1.63 3.57
CA ASN A 99 20.00 0.34 4.24
C ASN A 99 18.61 -0.17 4.59
N GLY A 100 17.58 0.67 4.44
N GLY A 100 17.58 0.66 4.43
CA GLY A 100 16.22 0.29 4.77
CA GLY A 100 16.23 0.26 4.78
C GLY A 100 15.79 0.65 6.17
C GLY A 100 15.85 0.55 6.20
N SER A 101 16.62 1.34 6.94
N SER A 101 16.58 1.41 6.89
CA SER A 101 16.34 1.65 8.33
CA SER A 101 16.34 1.72 8.29
C SER A 101 16.15 3.14 8.51
C SER A 101 16.06 3.20 8.46
N GLY A 102 15.44 3.50 9.58
N GLY A 102 15.41 3.54 9.56
CA GLY A 102 15.20 4.89 9.90
CA GLY A 102 15.09 4.92 9.86
C GLY A 102 14.81 5.03 11.35
C GLY A 102 14.65 5.10 11.28
N GLN A 103 14.88 6.28 11.83
N GLN A 103 14.88 6.30 11.82
CA GLN A 103 14.50 6.62 13.19
CA GLN A 103 14.49 6.60 13.19
C GLN A 103 13.02 6.96 13.25
C GLN A 103 13.02 6.97 13.26
N TYR A 104 12.39 6.64 14.39
CA TYR A 104 10.96 6.90 14.53
C TYR A 104 10.65 8.39 14.42
N SER A 105 11.54 9.25 14.91
CA SER A 105 11.31 10.69 14.78
C SER A 105 11.26 11.11 13.31
N THR A 106 12.08 10.50 12.46
N THR A 106 12.06 10.46 12.46
N THR A 106 12.09 10.50 12.47
CA THR A 106 12.05 10.82 11.04
CA THR A 106 12.05 10.81 11.04
CA THR A 106 12.12 10.89 11.06
C THR A 106 10.85 10.19 10.36
C THR A 106 10.76 10.39 10.36
C THR A 106 10.88 10.43 10.33
N ILE A 107 10.40 9.03 10.84
N ILE A 107 10.26 9.19 10.67
N ILE A 107 10.41 9.21 10.62
CA ILE A 107 9.17 8.43 10.33
CA ILE A 107 9.05 8.69 10.01
CA ILE A 107 9.17 8.73 10.02
C ILE A 107 7.98 9.34 10.61
C ILE A 107 7.85 9.54 10.40
C ILE A 107 8.00 9.63 10.43
N ILE A 108 7.92 9.88 11.83
N ILE A 108 7.80 10.00 11.64
N ILE A 108 7.91 9.93 11.73
CA ILE A 108 6.82 10.76 12.20
CA ILE A 108 6.71 10.89 12.05
CA ILE A 108 6.84 10.80 12.22
C ILE A 108 6.86 12.06 11.40
C ILE A 108 6.75 12.19 11.25
C ILE A 108 6.87 12.13 11.47
N ALA A 109 8.05 12.63 11.23
N ALA A 109 7.92 12.81 11.19
N ALA A 109 8.06 12.71 11.29
CA ALA A 109 8.17 13.87 10.47
CA ALA A 109 8.07 14.03 10.39
CA ALA A 109 8.15 13.96 10.56
C ALA A 109 7.65 13.69 9.04
C ALA A 109 7.59 13.80 8.97
C ALA A 109 7.64 13.81 9.13
N GLY A 110 7.81 12.49 8.47
N GLY A 110 7.84 12.61 8.41
N GLY A 110 7.97 12.70 8.48
CA GLY A 110 7.38 12.28 7.10
CA GLY A 110 7.37 12.31 7.08
CA GLY A 110 7.52 12.49 7.11
C GLY A 110 5.87 12.20 6.96
C GLY A 110 5.85 12.30 6.99
C GLY A 110 6.03 12.33 6.98
N MET A 111 5.20 11.62 7.96
N MET A 111 5.19 11.68 7.96
N MET A 111 5.39 11.75 7.99
CA MET A 111 3.74 11.54 7.91
CA MET A 111 3.73 11.68 7.97
CA MET A 111 3.94 11.57 7.94
C MET A 111 3.12 12.93 8.06
C MET A 111 3.18 13.08 8.23
C MET A 111 3.23 12.92 8.04
N ASP A 112 3.58 13.70 9.05
N ASP A 112 3.87 13.88 9.04
N ASP A 112 3.68 13.78 8.96
CA ASP A 112 3.06 15.06 9.21
CA ASP A 112 3.49 15.28 9.19
CA ASP A 112 3.07 15.11 9.06
C ASP A 112 3.39 15.91 7.99
C ASP A 112 3.58 16.01 7.86
C ASP A 112 3.32 15.94 7.81
N PHE A 113 4.49 15.61 7.29
N PHE A 113 4.66 15.77 7.11
N PHE A 113 4.47 15.78 7.18
CA PHE A 113 4.81 16.32 6.07
CA PHE A 113 4.84 16.44 5.83
CA PHE A 113 4.73 16.49 5.93
C PHE A 113 3.71 16.14 5.03
C PHE A 113 3.71 16.12 4.87
C PHE A 113 3.66 16.19 4.89
N VAL A 114 3.32 14.89 4.78
N VAL A 114 3.29 14.85 4.82
N VAL A 114 3.26 14.92 4.77
CA VAL A 114 2.34 14.62 3.73
CA VAL A 114 2.26 14.46 3.86
CA VAL A 114 2.28 14.57 3.76
C VAL A 114 1.02 15.32 4.04
C VAL A 114 0.96 15.20 4.14
C VAL A 114 0.94 15.22 4.05
N ALA A 115 0.63 15.33 5.32
N ALA A 115 0.58 15.29 5.41
N ALA A 115 0.59 15.37 5.33
CA ALA A 115 -0.61 15.99 5.70
CA ALA A 115 -0.66 16.00 5.77
CA ALA A 115 -0.68 16.00 5.68
C ALA A 115 -0.62 17.45 5.27
C ALA A 115 -0.61 17.47 5.39
C ALA A 115 -0.76 17.41 5.12
N SER A 116 0.56 18.09 5.23
N SER A 116 0.59 18.03 5.26
N SER A 116 0.32 18.19 5.26
CA SER A 116 0.67 19.48 4.80
CA SER A 116 0.74 19.43 4.85
CA SER A 116 0.33 19.54 4.72
C SER A 116 0.89 19.58 3.29
C SER A 116 0.94 19.56 3.35
C SER A 116 0.63 19.56 3.23
N ASP A 117 1.75 18.74 2.72
N ASP A 117 1.76 18.69 2.74
N ASP A 117 1.56 18.72 2.78
CA ASP A 117 2.14 18.91 1.33
CA ASP A 117 2.10 18.86 1.33
CA ASP A 117 2.00 18.78 1.39
C ASP A 117 0.98 18.67 0.37
C ASP A 117 0.89 18.65 0.43
C ASP A 117 0.86 18.48 0.42
N LYS A 118 0.05 17.78 0.73
N LYS A 118 -0.06 17.81 0.84
N LYS A 118 -0.16 17.74 0.85
CA LYS A 118 -1.04 17.46 -0.19
CA LYS A 118 -1.22 17.54 0.01
CA LYS A 118 -1.28 17.45 -0.03
C LYS A 118 -1.85 18.71 -0.55
C LYS A 118 -2.06 18.80 -0.25
C LYS A 118 -2.00 18.72 -0.47
N ASN A 119 -1.86 19.72 0.33
N ASN A 119 -1.84 19.87 0.51
N ASN A 119 -1.80 19.82 0.22
CA ASN A 119 -2.57 20.96 0.03
CA ASN A 119 -2.48 21.15 0.25
CA ASN A 119 -2.42 21.09 -0.16
C ASN A 119 -1.87 21.80 -1.03
C ASN A 119 -1.74 21.98 -0.79
C ASN A 119 -1.63 21.83 -1.22
N ASN A 120 -0.67 21.40 -1.46
N ASN A 120 -0.69 21.41 -1.40
N ASN A 120 -0.38 21.46 -1.44
CA ASN A 120 0.06 22.08 -2.51
CA ASN A 120 0.04 22.07 -2.46
CA ASN A 120 0.45 22.04 -2.49
C ASN A 120 0.09 21.29 -3.81
C ASN A 120 -0.01 21.31 -3.79
C ASN A 120 0.42 21.22 -3.77
N ARG A 121 -0.82 20.31 -3.96
N ARG A 121 -0.49 20.07 -3.78
N ARG A 121 -0.48 20.25 -3.89
CA ARG A 121 -0.84 19.43 -5.11
CA ARG A 121 -0.58 19.25 -4.98
CA ARG A 121 -0.50 19.34 -5.02
C ARG A 121 -2.25 19.32 -5.65
C ARG A 121 -2.02 19.19 -5.45
C ARG A 121 -1.88 19.31 -5.65
N ASN A 122 -2.34 18.98 -6.93
N ASN A 122 -2.21 19.17 -6.77
N ASN A 122 -1.91 18.91 -6.92
CA ASN A 122 -3.63 18.83 -7.61
CA ASN A 122 -3.55 19.06 -7.35
CA ASN A 122 -3.14 18.77 -7.68
C ASN A 122 -4.05 17.36 -7.54
C ASN A 122 -3.93 17.58 -7.40
C ASN A 122 -3.62 17.33 -7.56
N CYS A 123 -4.77 17.02 -6.49
N CYS A 123 -4.80 17.17 -6.47
N CYS A 123 -4.61 17.10 -6.69
CA CYS A 123 -5.30 15.67 -6.28
CA CYS A 123 -5.25 15.79 -6.35
CA CYS A 123 -5.12 15.76 -6.42
C CYS A 123 -6.82 15.74 -6.16
C CYS A 123 -6.76 15.78 -6.18
C CYS A 123 -6.62 15.85 -6.16
N PRO A 124 -7.50 16.21 -7.21
N PRO A 124 -7.50 16.24 -7.19
N PRO A 124 -7.42 16.19 -7.18
CA PRO A 124 -8.95 16.45 -7.10
CA PRO A 124 -8.95 16.45 -7.01
CA PRO A 124 -8.84 16.43 -6.94
C PRO A 124 -9.77 15.21 -6.75
C PRO A 124 -9.71 15.20 -6.62
C PRO A 124 -9.62 15.20 -6.49
N LYS A 125 -9.22 14.01 -6.95
CA LYS A 125 -9.98 12.80 -6.67
C LYS A 125 -9.65 12.14 -5.34
N GLY A 126 -8.55 12.49 -4.71
N GLY A 126 -8.54 12.51 -4.73
N GLY A 126 -8.56 12.50 -4.69
CA GLY A 126 -8.22 11.97 -3.40
CA GLY A 126 -8.14 11.93 -3.46
CA GLY A 126 -8.24 11.98 -3.39
C GLY A 126 -6.74 11.69 -3.24
C GLY A 126 -6.64 11.86 -3.35
C GLY A 126 -6.77 11.61 -3.26
N VAL A 127 -6.33 11.51 -1.99
N VAL A 127 -6.19 11.54 -2.14
N VAL A 127 -6.30 11.54 -2.01
CA VAL A 127 -4.93 11.33 -1.63
CA VAL A 127 -4.77 11.45 -1.81
CA VAL A 127 -4.91 11.27 -1.69
C VAL A 127 -4.81 10.05 -0.80
C VAL A 127 -4.56 10.21 -0.95
C VAL A 127 -4.82 9.99 -0.87
N VAL A 128 -3.86 9.19 -1.19
N VAL A 128 -3.61 9.36 -1.33
N VAL A 128 -3.78 9.21 -1.14
CA VAL A 128 -3.51 7.99 -0.46
CA VAL A 128 -3.35 8.10 -0.67
CA VAL A 128 -3.48 7.98 -0.42
C VAL A 128 -2.06 8.09 -0.04
C VAL A 128 -1.91 8.10 -0.16
C VAL A 128 -2.05 8.04 0.09
N ALA A 129 -1.71 7.41 1.06
N ALA A 129 -1.70 7.50 1.01
N ALA A 129 -1.80 7.36 1.21
CA ALA A 129 -0.33 7.21 1.45
CA ALA A 129 -0.38 7.28 1.58
CA ALA A 129 -0.47 7.29 1.80
C ALA A 129 -0.09 5.73 1.71
C ALA A 129 -0.17 5.78 1.78
C ALA A 129 -0.12 5.82 2.03
N SER A 130 1.05 5.23 1.24
N SER A 130 0.96 5.28 1.28
N SER A 130 0.82 5.30 1.24
CA SER A 130 1.46 3.84 1.43
CA SER A 130 1.33 3.87 1.41
CA SER A 130 1.24 3.90 1.35
C SER A 130 2.67 3.79 2.35
C SER A 130 2.58 3.78 2.27
C SER A 130 2.46 3.83 2.26
N LEU A 131 2.58 2.99 3.41
N LEU A 131 2.47 3.09 3.40
N LEU A 131 2.34 3.10 3.38
CA LEU A 131 3.63 2.89 4.43
CA LEU A 131 3.56 2.96 4.37
CA LEU A 131 3.42 2.91 4.33
C LEU A 131 4.03 1.43 4.57
C LEU A 131 3.95 1.48 4.48
C LEU A 131 3.79 1.44 4.39
N SER A 132 4.94 0.98 3.73
N SER A 132 4.98 1.10 3.75
N SER A 132 4.93 1.10 3.79
CA SER A 132 5.46 -0.40 3.78
CA SER A 132 5.47 -0.28 3.77
CA SER A 132 5.41 -0.28 3.77
C SER A 132 6.67 -0.47 4.71
C SER A 132 6.67 -0.41 4.71
C SER A 132 6.60 -0.44 4.72
N LEU A 133 6.44 -0.06 5.96
N LEU A 133 6.43 -0.04 5.97
N LEU A 133 6.38 -0.20 6.00
CA LEU A 133 7.48 -0.03 6.97
CA LEU A 133 7.46 -0.05 6.99
CA LEU A 133 7.42 -0.31 7.01
C LEU A 133 6.84 -0.24 8.33
C LEU A 133 6.80 -0.26 8.35
C LEU A 133 6.75 -0.48 8.37
N GLY A 134 7.66 -0.55 9.32
N GLY A 134 7.64 -0.51 9.35
N GLY A 134 7.58 -0.61 9.41
CA GLY A 134 7.17 -0.62 10.68
CA GLY A 134 7.13 -0.61 10.70
CA GLY A 134 7.05 -0.65 10.75
C GLY A 134 8.23 -1.11 11.63
C GLY A 134 8.19 -1.15 11.64
C GLY A 134 8.13 -1.05 11.74
N GLY A 135 7.85 -1.18 12.90
N GLY A 135 7.85 -1.14 12.91
N GLY A 135 7.68 -1.35 12.96
CA GLY A 135 8.73 -1.62 13.96
CA GLY A 135 8.73 -1.64 13.95
CA GLY A 135 8.60 -1.71 14.02
C GLY A 135 7.96 -1.94 15.22
C GLY A 135 7.93 -1.97 15.19
C GLY A 135 7.85 -1.91 15.32
N GLY A 136 8.60 -1.81 16.38
N GLY A 136 8.58 -1.88 16.34
N GLY A 136 8.61 -2.03 16.39
CA GLY A 136 7.92 -2.10 17.63
CA GLY A 136 7.90 -2.15 17.60
CA GLY A 136 8.02 -2.22 17.71
C GLY A 136 6.91 -1.03 17.99
C GLY A 136 6.87 -1.09 17.93
C GLY A 136 7.03 -1.12 18.06
N TYR A 137 5.96 -1.42 18.86
N TYR A 137 5.98 -1.43 18.85
N TYR A 137 6.13 -1.46 18.98
CA TYR A 137 4.85 -0.54 19.19
CA TYR A 137 4.89 -0.54 19.19
CA TYR A 137 5.02 -0.58 19.29
C TYR A 137 5.35 0.80 19.73
C TYR A 137 5.43 0.79 19.70
C TYR A 137 5.52 0.79 19.76
N SER A 138 4.73 1.87 19.26
N SER A 138 4.92 1.88 19.12
N SER A 138 4.91 1.84 19.20
CA SER A 138 4.99 3.21 19.77
CA SER A 138 5.26 3.24 19.55
CA SER A 138 5.22 3.21 19.57
C SER A 138 3.73 4.03 19.60
C SER A 138 3.98 4.06 19.54
C SER A 138 3.92 4.00 19.57
N SER A 139 3.21 4.58 20.70
N SER A 139 3.52 4.48 20.72
N SER A 139 3.57 4.59 20.71
CA SER A 139 2.02 5.43 20.61
CA SER A 139 2.30 5.27 20.80
CA SER A 139 2.35 5.38 20.79
C SER A 139 2.27 6.60 19.67
C SER A 139 2.42 6.54 19.96
C SER A 139 2.40 6.56 19.83
N SER A 140 3.46 7.21 19.75
N SER A 140 3.62 7.11 19.86
N SER A 140 3.52 7.28 19.80
CA SER A 140 3.74 8.40 18.95
CA SER A 140 3.79 8.35 19.11
CA SER A 140 3.61 8.48 18.98
C SER A 140 3.64 8.09 17.46
C SER A 140 3.71 8.12 17.60
C SER A 140 3.61 8.16 17.49
N VAL A 141 4.22 6.96 17.04
N VAL A 141 4.06 6.91 17.15
N VAL A 141 4.08 6.97 17.11
CA VAL A 141 4.11 6.55 15.63
CA VAL A 141 3.97 6.61 15.72
CA VAL A 141 4.01 6.56 15.71
C VAL A 141 2.66 6.38 15.24
C VAL A 141 2.54 6.28 15.34
C VAL A 141 2.56 6.33 15.30
N ASN A 142 1.91 5.61 16.05
N ASN A 142 1.80 5.61 16.24
N ASN A 142 1.80 5.62 16.15
CA ASN A 142 0.48 5.43 15.80
CA ASN A 142 0.39 5.32 15.97
CA ASN A 142 0.39 5.40 15.88
C ASN A 142 -0.23 6.78 15.69
C ASN A 142 -0.43 6.59 15.87
C ASN A 142 -0.36 6.73 15.80
N SER A 143 0.01 7.67 16.67
N SER A 143 -0.13 7.58 16.72
N SER A 143 -0.16 7.60 16.79
CA SER A 143 -0.62 8.98 16.65
CA SER A 143 -0.86 8.85 16.68
CA SER A 143 -0.81 8.90 16.79
C SER A 143 -0.35 9.72 15.34
C SER A 143 -0.52 9.64 15.42
C SER A 143 -0.58 9.64 15.49
N ALA A 144 0.88 9.64 14.84
N ALA A 144 0.76 9.65 15.04
N ALA A 144 0.65 9.57 14.96
CA ALA A 144 1.21 10.32 13.60
CA ALA A 144 1.14 10.34 13.81
CA ALA A 144 0.95 10.25 13.71
C ALA A 144 0.36 9.79 12.44
C ALA A 144 0.44 9.73 12.60
C ALA A 144 0.15 9.67 12.55
N ALA A 145 0.23 8.48 12.33
N ALA A 145 0.30 8.40 12.58
N ALA A 145 -0.03 8.35 12.53
CA ALA A 145 -0.58 7.91 11.25
CA ALA A 145 -0.46 7.76 11.51
CA ALA A 145 -0.84 7.74 11.48
C ALA A 145 -2.05 8.29 11.41
C ALA A 145 -1.94 8.10 11.60
C ALA A 145 -2.30 8.20 11.60
N ALA A 146 -2.56 8.27 12.63
N ALA A 146 -2.47 8.23 12.82
N ALA A 146 -2.79 8.34 12.83
CA ALA A 146 -3.94 8.68 12.86
CA ALA A 146 -3.86 8.64 12.97
CA ALA A 146 -4.15 8.84 13.02
C ALA A 146 -4.17 10.12 12.48
C ALA A 146 -4.05 10.10 12.57
C ALA A 146 -4.28 10.26 12.49
N ARG A 147 -3.22 11.00 12.82
N ARG A 147 -3.09 10.96 12.90
N ARG A 147 -3.25 11.09 12.67
CA ARG A 147 -3.33 12.40 12.38
CA ARG A 147 -3.15 12.36 12.46
CA ARG A 147 -3.29 12.44 12.13
C ARG A 147 -3.39 12.48 10.87
C ARG A 147 -3.29 12.44 10.94
C ARG A 147 -3.40 12.43 10.63
N LEU A 148 -2.53 11.73 10.17
N LEU A 148 -2.44 11.70 10.23
N LEU A 148 -2.51 11.69 9.95
CA LEU A 148 -2.52 11.77 8.72
CA LEU A 148 -2.45 11.77 8.76
CA LEU A 148 -2.58 11.59 8.49
C LEU A 148 -3.86 11.33 8.15
C LEU A 148 -3.80 11.32 8.21
C LEU A 148 -3.97 11.16 8.06
N GLN A 149 -4.41 10.23 8.68
N GLN A 149 -4.33 10.21 8.73
N GLN A 149 -4.50 10.10 8.67
CA GLN A 149 -5.72 9.77 8.23
CA GLN A 149 -5.66 9.75 8.30
CA GLN A 149 -5.83 9.62 8.31
C GLN A 149 -6.78 10.84 8.43
C GLN A 149 -6.70 10.84 8.49
C GLN A 149 -6.87 10.72 8.51
N SER A 150 -6.87 11.39 9.65
N SER A 150 -6.67 11.52 9.64
N SER A 150 -6.89 11.34 9.69
CA SER A 150 -7.91 12.38 9.93
CA SER A 150 -7.69 12.52 9.94
CA SER A 150 -7.86 12.37 9.99
C SER A 150 -7.86 13.57 8.99
C SER A 150 -7.64 13.70 8.99
C SER A 150 -7.62 13.67 9.22
N SER A 151 -6.66 13.96 8.54
N SER A 151 -6.46 14.03 8.47
N SER A 151 -6.48 13.79 8.53
CA SER A 151 -6.54 15.08 7.62
CA SER A 151 -6.32 15.21 7.62
CA SER A 151 -6.21 14.95 7.71
C SER A 151 -7.20 14.80 6.28
C SER A 151 -6.95 15.03 6.24
C SER A 151 -6.63 14.75 6.25
N GLY A 152 -7.46 13.54 5.96
N GLY A 152 -7.42 13.83 5.90
N GLY A 152 -7.54 13.82 5.99
CA GLY A 152 -8.18 13.19 4.74
CA GLY A 152 -7.99 13.59 4.60
CA GLY A 152 -8.08 13.64 4.67
C GLY A 152 -7.33 12.45 3.73
C GLY A 152 -7.05 12.81 3.71
C GLY A 152 -7.31 12.70 3.77
N VAL A 153 -6.34 11.71 4.22
N VAL A 153 -6.53 11.70 4.22
N VAL A 153 -6.31 12.00 4.29
CA VAL A 153 -5.47 10.88 3.39
CA VAL A 153 -5.58 10.86 3.52
CA VAL A 153 -5.52 11.06 3.52
C VAL A 153 -5.66 9.44 3.81
C VAL A 153 -5.88 9.42 3.86
C VAL A 153 -5.95 9.64 3.92
N MET A 154 -6.13 8.60 2.89
N MET A 154 -6.04 8.57 2.83
N MET A 154 -5.99 8.75 2.93
CA MET A 154 -6.20 7.16 3.18
CA MET A 154 -6.33 7.16 3.02
CA MET A 154 -6.29 7.35 3.18
C MET A 154 -4.80 6.64 3.47
C MET A 154 -5.01 6.45 3.29
C MET A 154 -4.97 6.62 3.38
N VAL A 155 -4.64 6.01 4.63
N VAL A 155 -4.75 6.14 4.55
N VAL A 155 -4.73 6.15 4.61
CA VAL A 155 -3.35 5.49 5.06
CA VAL A 155 -3.47 5.55 4.96
CA VAL A 155 -3.44 5.57 4.99
C VAL A 155 -3.42 3.97 5.08
C VAL A 155 -3.60 4.03 4.94
C VAL A 155 -3.54 4.06 4.89
N ALA A 156 -2.57 3.33 4.27
N ALA A 156 -2.64 3.37 4.28
N ALA A 156 -2.67 3.47 4.09
CA ALA A 156 -2.42 1.88 4.25
CA ALA A 156 -2.53 1.92 4.27
CA ALA A 156 -2.51 2.02 3.98
C ALA A 156 -1.03 1.51 4.77
C ALA A 156 -1.14 1.53 4.75
C ALA A 156 -1.18 1.63 4.62
N VAL A 157 -0.99 0.57 5.71
N VAL A 157 -1.07 0.62 5.72
N VAL A 157 -1.22 0.63 5.51
CA VAL A 157 0.25 0.19 6.40
CA VAL A 157 0.18 0.23 6.35
CA VAL A 157 -0.06 0.25 6.30
C VAL A 157 0.42 -1.32 6.36
C VAL A 157 0.33 -1.27 6.29
C VAL A 157 0.14 -1.26 6.20
N ALA A 158 1.65 -1.77 6.18
N ALA A 158 1.59 -1.72 6.23
N ALA A 158 1.42 -1.67 6.24
CA ALA A 158 1.95 -3.19 6.14
CA ALA A 158 1.89 -3.15 6.22
CA ALA A 158 1.77 -3.07 6.24
C ALA A 158 1.86 -3.80 7.53
C ALA A 158 1.76 -3.72 7.63
C ALA A 158 1.61 -3.67 7.63
N ALA A 159 1.28 -5.01 7.61
N ALA A 159 1.32 -4.97 7.72
N ALA A 159 1.28 -4.96 7.68
CA ALA A 159 1.03 -5.60 8.93
CA ALA A 159 1.08 -5.59 9.01
CA ALA A 159 1.00 -5.61 8.96
C ALA A 159 2.31 -6.05 9.61
C ALA A 159 2.33 -6.11 9.69
C ALA A 159 2.27 -6.12 9.64
N GLY A 160 3.34 -6.44 8.85
N GLY A 160 3.37 -6.42 8.93
N GLY A 160 3.32 -6.43 8.88
CA GLY A 160 4.55 -6.97 9.42
CA GLY A 160 4.59 -6.97 9.50
CA GLY A 160 4.53 -6.98 9.44
C GLY A 160 4.80 -8.41 9.03
C GLY A 160 4.80 -8.40 9.06
C GLY A 160 4.82 -8.39 8.97
N ASN A 161 6.07 -8.82 9.06
CA ASN A 161 6.48 -10.13 8.57
C ASN A 161 7.05 -11.03 9.67
N ASN A 162 6.40 -11.03 10.84
N ASN A 162 6.40 -11.07 10.84
CA ASN A 162 6.90 -11.73 12.02
CA ASN A 162 6.91 -11.86 11.95
C ASN A 162 6.16 -13.03 12.29
C ASN A 162 5.96 -12.98 12.36
N ASN A 163 5.11 -13.35 11.54
N ASN A 163 5.00 -13.31 11.50
CA ASN A 163 4.20 -14.43 11.90
CA ASN A 163 4.02 -14.37 11.78
C ASN A 163 3.70 -14.23 13.33
C ASN A 163 3.51 -14.28 13.22
N ALA A 164 3.35 -12.98 13.64
N ALA A 164 3.14 -13.07 13.62
CA ALA A 164 3.03 -12.59 15.01
CA ALA A 164 2.65 -12.82 14.97
C ALA A 164 1.79 -11.70 15.02
C ALA A 164 1.47 -11.86 14.90
N ASP A 165 1.21 -11.56 16.21
N ASP A 165 0.87 -11.61 16.06
CA ASP A 165 0.09 -10.64 16.40
CA ASP A 165 -0.25 -10.68 16.14
C ASP A 165 0.53 -9.21 16.07
C ASP A 165 0.26 -9.25 16.00
N ALA A 166 -0.21 -8.57 15.16
N ALA A 166 -0.31 -8.51 15.05
CA ALA A 166 0.16 -7.24 14.71
CA ALA A 166 0.18 -7.20 14.70
C ALA A 166 -0.08 -6.16 15.77
C ALA A 166 -0.09 -6.14 15.76
N ARG A 167 -0.75 -6.49 16.86
CA ARG A 167 -1.04 -5.50 17.89
C ARG A 167 0.21 -4.96 18.57
N ASN A 168 1.34 -5.66 18.41
N ASN A 168 1.34 -5.66 18.41
N ASN A 168 1.35 -5.63 18.40
CA ASN A 168 2.58 -5.29 19.06
CA ASN A 168 2.59 -5.27 19.05
CA ASN A 168 2.61 -5.22 19.02
C ASN A 168 3.50 -4.46 18.18
C ASN A 168 3.55 -4.62 18.06
C ASN A 168 3.48 -4.40 18.09
N TYR A 169 3.01 -3.94 17.06
N TYR A 169 3.03 -4.02 17.00
N TYR A 169 2.98 -4.01 16.92
CA TYR A 169 3.83 -3.25 16.08
CA TYR A 169 3.83 -3.37 15.97
CA TYR A 169 3.76 -3.31 15.92
C TYR A 169 3.12 -2.00 15.60
C TYR A 169 3.18 -2.05 15.60
C TYR A 169 3.08 -2.02 15.52
N SER A 170 3.91 -1.01 15.19
N SER A 170 4.00 -1.11 15.14
N SER A 170 3.87 -1.04 15.09
CA SER A 170 3.40 0.27 14.74
CA SER A 170 3.53 0.21 14.78
CA SER A 170 3.35 0.25 14.67
C SER A 170 3.96 0.60 13.37
C SER A 170 4.07 0.59 13.40
C SER A 170 3.95 0.63 13.32
N PRO A 171 3.20 1.35 12.56
N PRO A 171 3.27 1.29 12.59
N PRO A 171 3.19 1.31 12.46
CA PRO A 171 1.86 1.88 12.81
CA PRO A 171 1.92 1.81 12.86
CA PRO A 171 1.81 1.80 12.67
C PRO A 171 0.76 0.86 12.50
C PRO A 171 0.82 0.79 12.58
C PRO A 171 0.75 0.72 12.49
N ALA A 172 1.11 -0.43 12.42
N ALA A 172 1.17 -0.48 12.36
N ALA A 172 1.15 -0.55 12.38
CA ALA A 172 0.13 -1.43 12.03
CA ALA A 172 0.17 -1.47 11.98
CA ALA A 172 0.21 -1.61 12.09
C ALA A 172 -1.02 -1.55 13.01
C ALA A 172 -0.98 -1.53 12.97
C ALA A 172 -0.90 -1.70 13.14
N SER A 173 -0.78 -1.23 14.29
N SER A 173 -0.70 -1.37 14.26
N SER A 173 -0.62 -1.29 14.37
CA SER A 173 -1.78 -1.45 15.33
CA SER A 173 -1.69 -1.57 15.30
CA SER A 173 -1.54 -1.49 15.48
C SER A 173 -2.76 -0.29 15.45
C SER A 173 -2.67 -0.42 15.44
C SER A 173 -2.44 -0.29 15.75
N GLU A 174 -2.50 0.85 14.83
N GLU A 174 -2.45 0.69 14.75
N GLU A 174 -2.50 0.69 14.81
CA GLU A 174 -3.42 1.97 14.91
CA GLU A 174 -3.34 1.84 14.85
CA GLU A 174 -3.42 1.81 14.94
C GLU A 174 -4.77 1.59 14.31
C GLU A 174 -4.71 1.49 14.26
C GLU A 174 -4.77 1.44 14.34
N PRO A 175 -5.86 1.62 15.08
N PRO A 175 -5.79 1.59 15.03
N PRO A 175 -5.88 1.58 15.08
CA PRO A 175 -7.14 1.14 14.53
CA PRO A 175 -7.09 1.12 14.51
CA PRO A 175 -7.17 1.13 14.52
C PRO A 175 -7.66 1.97 13.37
C PRO A 175 -7.63 1.96 13.35
C PRO A 175 -7.67 1.96 13.36
N SER A 176 -7.29 3.25 13.28
CA SER A 176 -7.89 4.14 12.29
C SER A 176 -7.28 4.04 10.89
N VAL A 177 -6.16 3.36 10.71
N VAL A 177 -6.15 3.37 10.75
N VAL A 177 -6.16 3.35 10.74
CA VAL A 177 -5.57 3.20 9.39
CA VAL A 177 -5.50 3.21 9.46
CA VAL A 177 -5.59 3.16 9.40
C VAL A 177 -5.93 1.81 8.86
C VAL A 177 -5.84 1.83 8.91
C VAL A 177 -5.84 1.74 8.95
N CYS A 178 -5.34 1.50 7.67
N CYS A 178 -5.64 1.58 7.59
N CYS A 178 -5.48 1.60 7.65
CA CYS A 178 -5.81 0.28 7.01
CA CYS A 178 -5.92 0.31 6.93
CA CYS A 178 -5.77 0.35 6.96
C CYS A 178 -4.70 -0.75 6.96
C CYS A 178 -4.68 -0.58 7.04
C CYS A 178 -4.49 -0.48 6.92
N THR A 179 -4.72 -1.71 7.88
N THR A 179 -4.84 -1.73 7.68
N THR A 179 -4.44 -1.54 7.74
CA THR A 179 -3.63 -2.66 8.03
CA THR A 179 -3.72 -2.62 8.01
CA THR A 179 -3.26 -2.39 7.83
C THR A 179 -3.79 -3.80 7.04
C THR A 179 -3.81 -3.87 7.14
C THR A 179 -3.51 -3.67 7.03
N VAL A 180 -2.68 -4.16 6.39
N VAL A 180 -2.77 -4.10 6.35
N VAL A 180 -2.49 -4.09 6.28
CA VAL A 180 -2.69 -5.03 5.22
CA VAL A 180 -2.82 -5.00 5.19
CA VAL A 180 -2.64 -5.03 5.18
C VAL A 180 -1.87 -6.28 5.52
C VAL A 180 -1.90 -6.17 5.44
C VAL A 180 -1.78 -6.26 5.45
N GLY A 181 -2.48 -7.45 5.35
N GLY A 181 -2.44 -7.39 5.39
N GLY A 181 -2.40 -7.44 5.36
CA GLY A 181 -1.78 -8.71 5.38
CA GLY A 181 -1.67 -8.60 5.40
CA GLY A 181 -1.69 -8.69 5.38
C GLY A 181 -1.43 -9.21 3.98
C GLY A 181 -1.41 -9.15 4.00
C GLY A 181 -1.42 -9.22 3.98
N ALA A 182 -0.64 -10.27 3.93
N ALA A 182 -0.64 -10.22 3.94
N ALA A 182 -0.57 -10.24 3.90
CA ALA A 182 -0.12 -10.81 2.69
CA ALA A 182 -0.15 -10.80 2.69
CA ALA A 182 -0.08 -10.78 2.64
C ALA A 182 -0.67 -12.20 2.42
C ALA A 182 -0.74 -12.17 2.43
C ALA A 182 -0.63 -12.19 2.40
N SER A 183 -1.05 -12.44 1.16
CA SER A 183 -1.47 -13.76 0.72
C SER A 183 -0.59 -14.18 -0.46
N ASP A 184 -0.62 -15.46 -0.79
N ASP A 184 -0.63 -15.47 -0.79
CA ASP A 184 0.19 -16.01 -1.88
CA ASP A 184 0.13 -16.02 -1.91
C ASP A 184 -0.71 -16.46 -3.03
C ASP A 184 -0.82 -16.45 -3.02
N ARG A 185 -0.09 -17.02 -4.08
N ARG A 185 -0.25 -16.93 -4.13
CA ARG A 185 -0.81 -17.25 -5.33
CA ARG A 185 -1.05 -17.21 -5.33
C ARG A 185 -1.82 -18.38 -5.23
C ARG A 185 -1.88 -18.47 -5.21
N TYR A 186 -1.84 -19.13 -4.12
N TYR A 186 -1.72 -19.25 -4.13
CA TYR A 186 -2.82 -20.20 -3.92
CA TYR A 186 -2.59 -20.37 -3.83
C TYR A 186 -3.81 -19.85 -2.82
C TYR A 186 -3.65 -20.00 -2.82
N ASP A 187 -4.03 -18.55 -2.60
N ASP A 187 -3.86 -18.69 -2.60
CA ASP A 187 -5.01 -18.07 -1.65
CA ASP A 187 -4.88 -18.18 -1.69
C ASP A 187 -4.77 -18.65 -0.26
C ASP A 187 -4.63 -18.62 -0.25
N ARG A 188 -3.53 -18.55 0.19
N ARG A 188 -3.38 -18.88 0.09
CA ARG A 188 -3.14 -18.86 1.57
CA ARG A 188 -2.98 -19.03 1.48
C ARG A 188 -2.51 -17.62 2.19
C ARG A 188 -2.57 -17.69 2.05
N ARG A 189 -2.80 -17.37 3.46
N ARG A 189 -2.65 -17.56 3.37
CA ARG A 189 -2.03 -16.39 4.20
CA ARG A 189 -1.92 -16.50 4.04
C ARG A 189 -0.56 -16.75 4.09
C ARG A 189 -0.42 -16.78 3.89
N SER A 190 0.25 -15.82 3.61
N SER A 190 0.34 -15.72 3.62
CA SER A 190 1.68 -16.05 3.49
CA SER A 190 1.79 -15.87 3.58
C SER A 190 2.23 -16.46 4.85
C SER A 190 2.29 -16.35 4.94
N SER A 191 3.26 -17.31 4.81
N SER A 191 3.18 -17.34 4.93
CA SER A 191 3.78 -17.89 6.05
CA SER A 191 3.66 -17.92 6.18
C SER A 191 4.26 -16.82 7.01
C SER A 191 4.40 -16.91 7.05
N PHE A 192 4.83 -15.74 6.48
N PHE A 192 4.78 -15.75 6.49
CA PHE A 192 5.45 -14.70 7.29
CA PHE A 192 5.44 -14.70 7.25
C PHE A 192 4.49 -13.61 7.75
C PHE A 192 4.49 -13.60 7.72
N SER A 193 3.28 -13.56 7.18
N SER A 193 3.29 -13.54 7.16
CA SER A 193 2.42 -12.41 7.41
CA SER A 193 2.42 -12.39 7.40
C SER A 193 1.94 -12.36 8.85
C SER A 193 1.93 -12.35 8.84
N ASN A 194 2.03 -11.18 9.46
CA ASN A 194 1.38 -10.97 10.74
C ASN A 194 -0.13 -11.12 10.57
N TYR A 195 -0.83 -11.21 11.69
N TYR A 195 -0.82 -11.21 11.69
N TYR A 195 -0.82 -11.20 11.70
CA TYR A 195 -2.27 -11.38 11.70
CA TYR A 195 -2.26 -11.46 11.73
CA TYR A 195 -2.25 -11.48 11.74
C TYR A 195 -2.82 -10.78 12.99
C TYR A 195 -2.83 -10.70 12.92
C TYR A 195 -2.84 -10.71 12.92
N GLY A 196 -4.11 -10.95 13.20
N GLY A 196 -4.09 -10.97 13.23
N GLY A 196 -4.10 -11.00 13.25
CA GLY A 196 -4.76 -10.48 14.40
CA GLY A 196 -4.73 -10.44 14.42
CA GLY A 196 -4.74 -10.45 14.42
C GLY A 196 -5.99 -9.65 14.08
C GLY A 196 -5.99 -9.66 14.08
C GLY A 196 -5.98 -9.66 14.08
N SER A 197 -6.65 -9.21 15.15
CA SER A 197 -7.89 -8.45 15.00
C SER A 197 -7.68 -7.06 14.40
N VAL A 198 -6.46 -6.53 14.49
N VAL A 198 -6.46 -6.52 14.50
N VAL A 198 -6.46 -6.53 14.50
CA VAL A 198 -6.20 -5.20 13.95
CA VAL A 198 -6.22 -5.20 13.94
CA VAL A 198 -6.19 -5.20 13.96
C VAL A 198 -6.04 -5.21 12.43
C VAL A 198 -6.13 -5.23 12.42
C VAL A 198 -6.05 -5.22 12.44
N LEU A 199 -5.90 -6.39 11.82
CA LEU A 199 -5.82 -6.46 10.37
C LEU A 199 -7.18 -6.11 9.77
N ASP A 200 -7.14 -5.35 8.67
N ASP A 200 -7.14 -5.40 8.64
N ASP A 200 -7.14 -5.43 8.63
CA ASP A 200 -8.33 -4.95 7.91
CA ASP A 200 -8.35 -4.99 7.94
CA ASP A 200 -8.35 -5.00 7.95
C ASP A 200 -8.56 -5.81 6.67
C ASP A 200 -8.56 -5.70 6.61
C ASP A 200 -8.56 -5.64 6.58
N ILE A 201 -7.50 -6.15 5.94
CA ILE A 201 -7.63 -6.72 4.61
C ILE A 201 -6.33 -7.42 4.26
N PHE A 202 -6.42 -8.38 3.33
N PHE A 202 -6.41 -8.33 3.28
N PHE A 202 -6.42 -8.36 3.31
CA PHE A 202 -5.27 -9.07 2.80
CA PHE A 202 -5.24 -9.01 2.73
CA PHE A 202 -5.26 -9.02 2.73
C PHE A 202 -5.07 -8.71 1.34
C PHE A 202 -5.06 -8.62 1.27
C PHE A 202 -5.13 -8.63 1.27
N GLY A 203 -3.81 -8.64 0.92
N GLY A 203 -3.82 -8.77 0.80
N GLY A 203 -3.89 -8.56 0.80
CA GLY A 203 -3.48 -8.42 -0.46
CA GLY A 203 -3.50 -8.54 -0.60
CA GLY A 203 -3.60 -8.38 -0.60
C GLY A 203 -2.36 -9.33 -0.92
C GLY A 203 -2.34 -9.40 -1.03
C GLY A 203 -2.46 -9.28 -1.02
N PRO A 204 -2.27 -9.56 -2.23
N PRO A 204 -2.10 -9.46 -2.35
N PRO A 204 -2.23 -9.39 -2.32
CA PRO A 204 -1.16 -10.37 -2.77
CA PRO A 204 -0.96 -10.26 -2.84
CA PRO A 204 -1.12 -10.23 -2.81
C PRO A 204 0.19 -9.85 -2.31
C PRO A 204 0.36 -9.72 -2.30
C PRO A 204 0.20 -9.75 -2.25
N GLY A 205 1.00 -10.75 -1.74
N GLY A 205 1.14 -10.61 -1.69
N GLY A 205 0.99 -10.68 -1.70
CA GLY A 205 2.28 -10.34 -1.19
CA GLY A 205 2.36 -10.17 -1.04
CA GLY A 205 2.22 -10.33 -1.04
C GLY A 205 3.41 -11.35 -1.26
C GLY A 205 3.51 -11.16 -1.05
C GLY A 205 3.42 -11.19 -1.37
N THR A 206 3.28 -12.37 -2.11
N THR A 206 3.59 -12.01 -2.06
N THR A 206 3.19 -12.39 -1.88
CA THR A 206 4.35 -13.35 -2.30
CA THR A 206 4.74 -12.91 -2.21
CA THR A 206 4.27 -13.34 -2.16
C THR A 206 4.67 -13.45 -3.78
C THR A 206 5.03 -13.09 -3.70
C THR A 206 4.64 -13.28 -3.64
N ASP A 207 5.94 -13.24 -4.13
N ASP A 207 6.31 -13.05 -4.05
N ASP A 207 5.94 -13.21 -3.91
CA ASP A 207 6.41 -13.31 -5.51
CA ASP A 207 6.75 -13.15 -5.43
CA ASP A 207 6.48 -13.25 -5.27
C ASP A 207 5.77 -12.20 -6.34
C ASP A 207 6.04 -12.12 -6.30
C ASP A 207 5.77 -12.24 -6.18
N ILE A 208 5.98 -10.96 -5.94
N ILE A 208 6.07 -10.87 -5.86
N ILE A 208 6.03 -10.97 -5.89
CA ILE A 208 5.36 -9.80 -6.58
CA ILE A 208 5.40 -9.78 -6.55
CA ILE A 208 5.39 -9.85 -6.59
C ILE A 208 6.40 -9.17 -7.49
C ILE A 208 6.41 -9.13 -7.50
C ILE A 208 6.41 -9.19 -7.50
N LEU A 209 6.15 -9.22 -8.80
CA LEU A 209 7.03 -8.60 -9.79
C LEU A 209 6.70 -7.12 -9.94
N SER A 210 7.74 -6.28 -9.87
N SER A 210 7.73 -6.28 -9.88
N SER A 210 7.73 -6.28 -9.88
CA SER A 210 7.55 -4.83 -9.98
CA SER A 210 7.53 -4.84 -10.02
CA SER A 210 7.53 -4.84 -9.99
C SER A 210 8.90 -4.20 -10.30
C SER A 210 8.87 -4.20 -10.43
C SER A 210 8.87 -4.18 -10.32
N THR A 211 8.94 -2.87 -10.22
N THR A 211 8.95 -2.87 -10.26
N THR A 211 8.83 -2.85 -10.41
CA THR A 211 10.10 -2.10 -10.61
CA THR A 211 10.07 -2.09 -10.78
CA THR A 211 9.99 -2.06 -10.79
C THR A 211 11.23 -2.25 -9.58
C THR A 211 11.18 -1.96 -9.74
C THR A 211 11.09 -2.14 -9.73
N TRP A 212 12.43 -1.85 -10.00
N TRP A 212 12.42 -2.17 -10.17
N TRP A 212 12.31 -1.83 -10.16
CA TRP A 212 13.62 -1.87 -9.16
CA TRP A 212 13.59 -2.05 -9.32
CA TRP A 212 13.47 -1.81 -9.28
C TRP A 212 14.59 -0.84 -9.73
C TRP A 212 14.49 -0.96 -9.86
C TRP A 212 14.40 -0.69 -9.75
N ILE A 213 15.50 -0.36 -8.88
N ILE A 213 15.42 -0.48 -9.02
N ILE A 213 15.48 -0.48 -9.00
CA ILE A 213 16.42 0.68 -9.32
CA ILE A 213 16.31 0.59 -9.45
CA ILE A 213 16.43 0.57 -9.34
C ILE A 213 17.37 0.12 -10.38
C ILE A 213 17.23 0.09 -10.55
C ILE A 213 17.29 0.13 -10.53
N GLY A 214 17.92 1.02 -11.17
N GLY A 214 17.85 1.05 -11.25
N GLY A 214 17.86 1.13 -11.21
CA GLY A 214 18.67 0.62 -12.35
CA GLY A 214 18.62 0.73 -12.43
CA GLY A 214 18.61 0.85 -12.42
C GLY A 214 17.80 0.38 -13.57
C GLY A 214 17.79 0.48 -13.66
C GLY A 214 17.74 0.57 -13.63
N GLY A 215 16.59 0.93 -13.59
N GLY A 215 16.52 0.85 -13.66
N GLY A 215 16.48 0.98 -13.60
CA GLY A 215 15.69 0.71 -14.71
CA GLY A 215 15.65 0.60 -14.79
CA GLY A 215 15.58 0.72 -14.71
C GLY A 215 15.25 -0.72 -14.88
C GLY A 215 15.42 -0.87 -15.05
C GLY A 215 15.28 -0.75 -14.92
N SER A 216 15.45 -1.57 -13.87
N SER A 216 15.14 -1.64 -14.00
N SER A 216 15.11 -1.51 -13.85
CA SER A 216 15.19 -2.99 -13.97
CA SER A 216 14.98 -3.09 -14.13
CA SER A 216 14.96 -2.96 -13.96
C SER A 216 13.96 -3.37 -13.16
C SER A 216 13.75 -3.52 -13.33
C SER A 216 13.71 -3.44 -13.23
N THR A 217 13.78 -4.68 -12.94
N THR A 217 13.65 -4.83 -13.10
N THR A 217 13.64 -4.75 -13.01
CA THR A 217 12.61 -5.21 -12.28
CA THR A 217 12.52 -5.41 -12.38
CA THR A 217 12.51 -5.40 -12.36
C THR A 217 12.98 -6.52 -11.60
C THR A 217 13.03 -6.58 -11.56
C THR A 217 13.05 -6.47 -11.41
N ARG A 218 12.25 -6.86 -10.52
N ARG A 218 12.24 -6.96 -10.55
N ARG A 218 12.21 -6.92 -10.49
CA ARG A 218 12.48 -8.12 -9.84
CA ARG A 218 12.53 -8.18 -9.79
CA ARG A 218 12.50 -8.14 -9.74
C ARG A 218 11.24 -8.49 -9.03
C ARG A 218 11.32 -8.48 -8.91
C ARG A 218 11.28 -8.50 -8.90
N SER A 219 11.23 -9.72 -8.55
N SER A 219 11.32 -9.68 -8.33
N SER A 219 11.26 -9.74 -8.44
CA SER A 219 10.12 -10.27 -7.77
CA SER A 219 10.25 -10.14 -7.46
CA SER A 219 10.19 -10.25 -7.59
C SER A 219 10.59 -10.51 -6.34
C SER A 219 10.78 -10.24 -6.03
C SER A 219 10.71 -10.38 -6.17
N ILE A 220 9.88 -9.92 -5.38
N ILE A 220 10.01 -9.69 -5.09
N ILE A 220 9.92 -9.90 -5.21
CA ILE A 220 10.20 -10.07 -3.96
CA ILE A 220 10.29 -9.84 -3.66
CA ILE A 220 10.21 -10.05 -3.78
C ILE A 220 8.90 -10.23 -3.18
C ILE A 220 8.97 -10.07 -2.94
C ILE A 220 8.88 -10.15 -3.04
N SER A 221 9.03 -10.57 -1.90
N SER A 221 9.07 -10.56 -1.71
N SER A 221 8.96 -10.47 -1.74
CA SER A 221 7.92 -10.89 -1.03
CA SER A 221 7.92 -10.98 -0.92
CA SER A 221 7.81 -10.89 -0.97
C SER A 221 7.92 -10.00 0.21
C SER A 221 7.90 -10.25 0.41
C SER A 221 7.79 -10.21 0.39
N GLY A 222 6.78 -9.94 0.86
N GLY A 222 6.70 -9.94 0.87
N GLY A 222 6.58 -9.89 0.85
CA GLY A 222 6.61 -9.21 2.10
CA GLY A 222 6.51 -9.28 2.15
CA GLY A 222 6.39 -9.32 2.18
C GLY A 222 5.22 -8.59 2.16
C GLY A 222 5.18 -8.57 2.20
C GLY A 222 5.07 -8.59 2.24
N THR A 223 4.79 -8.25 3.38
N THR A 223 4.76 -8.25 3.43
N THR A 223 4.70 -8.20 3.47
CA THR A 223 3.58 -7.44 3.51
CA THR A 223 3.56 -7.43 3.59
CA THR A 223 3.53 -7.34 3.61
C THR A 223 3.80 -6.04 2.96
C THR A 223 3.78 -6.02 3.02
C THR A 223 3.78 -5.98 2.96
N SER A 224 5.07 -5.62 2.83
N SER A 224 5.03 -5.60 2.88
N SER A 224 5.05 -5.62 2.77
CA SER A 224 5.38 -4.39 2.12
CA SER A 224 5.32 -4.34 2.20
CA SER A 224 5.38 -4.41 2.01
C SER A 224 4.89 -4.44 0.67
C SER A 224 4.85 -4.38 0.75
C SER A 224 4.83 -4.46 0.59
N MET A 225 4.84 -5.64 0.08
N MET A 225 4.79 -5.57 0.15
N MET A 225 4.67 -5.67 0.03
CA MET A 225 4.39 -5.80 -1.30
CA MET A 225 4.31 -5.69 -1.22
CA MET A 225 4.17 -5.82 -1.32
C MET A 225 2.88 -5.89 -1.41
C MET A 225 2.78 -5.72 -1.29
C MET A 225 2.64 -5.77 -1.38
N ALA A 226 2.18 -6.32 -0.37
N ALA A 226 2.13 -6.24 -0.26
N ALA A 226 1.96 -6.29 -0.35
CA ALA A 226 0.73 -6.34 -0.39
CA ALA A 226 0.66 -6.30 -0.26
CA ALA A 226 0.50 -6.26 -0.34
C ALA A 226 0.17 -4.92 -0.25
C ALA A 226 0.04 -4.93 -0.04
C ALA A 226 -0.02 -4.84 -0.10
N THR A 227 0.73 -4.14 0.68
N THR A 227 0.71 -4.06 0.71
N THR A 227 0.70 -4.03 0.66
CA THR A 227 0.23 -2.80 0.97
CA THR A 227 0.14 -2.75 1.00
CA THR A 227 0.21 -2.70 1.00
C THR A 227 0.00 -1.94 -0.27
C THR A 227 -0.07 -1.90 -0.24
C THR A 227 0.01 -1.83 -0.24
N PRO A 228 0.91 -1.88 -1.25
N PRO A 228 0.89 -1.75 -1.16
N PRO A 228 0.93 -1.75 -1.19
CA PRO A 228 0.65 -1.01 -2.42
CA PRO A 228 0.63 -0.94 -2.35
CA PRO A 228 0.66 -0.92 -2.39
C PRO A 228 -0.49 -1.50 -3.31
C PRO A 228 -0.52 -1.45 -3.21
C PRO A 228 -0.43 -1.47 -3.29
N HIS A 229 -0.86 -2.78 -3.26
N HIS A 229 -0.78 -2.76 -3.20
N HIS A 229 -0.70 -2.77 -3.27
CA HIS A 229 -2.01 -3.23 -4.04
CA HIS A 229 -1.97 -3.26 -3.89
CA HIS A 229 -1.91 -3.27 -3.94
C HIS A 229 -3.28 -2.51 -3.61
C HIS A 229 -3.23 -2.62 -3.31
C HIS A 229 -3.15 -2.60 -3.39
N VAL A 230 -3.52 -2.44 -2.30
N VAL A 230 -3.28 -2.46 -1.99
N VAL A 230 -3.22 -2.47 -2.06
CA VAL A 230 -4.72 -1.79 -1.79
CA VAL A 230 -4.44 -1.85 -1.35
CA VAL A 230 -4.36 -1.83 -1.42
C VAL A 230 -4.60 -0.27 -1.91
C VAL A 230 -4.40 -0.34 -1.52
C VAL A 230 -4.31 -0.32 -1.60
N ALA A 231 -3.43 0.28 -1.60
N ALA A 231 -3.21 0.26 -1.59
N ALA A 231 -3.11 0.27 -1.56
CA ALA A 231 -3.21 1.70 -1.78
CA ALA A 231 -3.12 1.71 -1.80
CA ALA A 231 -2.98 1.70 -1.77
C ALA A 231 -3.56 2.13 -3.20
C ALA A 231 -3.54 2.08 -3.22
C ALA A 231 -3.46 2.10 -3.16
N GLY A 232 -3.08 1.39 -4.19
N GLY A 232 -3.10 1.30 -4.22
N GLY A 232 -3.03 1.36 -4.18
CA GLY A 232 -3.46 1.67 -5.57
CA GLY A 232 -3.50 1.58 -5.57
CA GLY A 232 -3.45 1.68 -5.54
C GLY A 232 -4.91 1.37 -5.84
C GLY A 232 -5.00 1.46 -5.78
C GLY A 232 -4.93 1.46 -5.75
N LEU A 233 -5.48 0.38 -5.15
N LEU A 233 -5.60 0.41 -5.23
N LEU A 233 -5.48 0.39 -5.17
CA LEU A 233 -6.88 0.06 -5.32
CA LEU A 233 -7.04 0.24 -5.32
CA LEU A 233 -6.91 0.13 -5.29
C LEU A 233 -7.78 1.13 -4.72
C LEU A 233 -7.76 1.42 -4.66
C LEU A 233 -7.73 1.30 -4.75
N ALA A 234 -7.33 1.77 -3.64
N ALA A 234 -7.23 1.91 -3.54
N ALA A 234 -7.32 1.85 -3.60
CA ALA A 234 -8.09 2.88 -3.07
CA ALA A 234 -7.84 3.07 -2.89
CA ALA A 234 -8.05 2.98 -3.04
C ALA A 234 -8.14 4.05 -4.03
C ALA A 234 -7.86 4.27 -3.81
C ALA A 234 -8.03 4.18 -3.99
N ALA A 235 -6.98 4.48 -4.53
N ALA A 235 -6.77 4.49 -4.57
N ALA A 235 -6.87 4.46 -4.59
CA ALA A 235 -6.94 5.57 -5.49
CA ALA A 235 -6.75 5.57 -5.53
CA ALA A 235 -6.79 5.56 -5.54
C ALA A 235 -7.83 5.27 -6.69
C ALA A 235 -7.62 5.27 -6.74
C ALA A 235 -7.70 5.30 -6.73
N TYR A 236 -7.71 4.06 -7.23
N TYR A 236 -7.75 3.98 -7.08
N TYR A 236 -7.75 4.04 -7.20
CA TYR A 236 -8.59 3.61 -8.30
CA TYR A 236 -8.56 3.60 -8.24
CA TYR A 236 -8.63 3.68 -8.31
C TYR A 236 -10.05 3.85 -7.95
C TYR A 236 -10.05 3.84 -7.99
C TYR A 236 -10.09 3.85 -7.94
N LEU A 237 -10.49 3.36 -6.79
N LEU A 237 -10.53 3.50 -6.78
N LEU A 237 -10.48 3.42 -6.74
CA LEU A 237 -11.88 3.55 -6.38
CA LEU A 237 -11.96 3.62 -6.51
CA LEU A 237 -11.87 3.48 -6.33
C LEU A 237 -12.19 5.00 -6.07
C LEU A 237 -12.38 5.08 -6.34
C LEU A 237 -12.33 4.91 -6.02
N MET A 238 -11.22 5.74 -5.52
N MET A 238 -11.58 5.88 -5.63
N MET A 238 -11.41 5.79 -5.65
CA MET A 238 -11.48 7.14 -5.20
CA MET A 238 -11.96 7.27 -5.43
CA MET A 238 -11.80 7.17 -5.39
C MET A 238 -11.66 7.98 -6.46
C MET A 238 -12.09 8.00 -6.76
C MET A 238 -12.04 7.93 -6.70
N THR A 239 -11.04 7.58 -7.57
N THR A 239 -11.24 7.66 -7.73
N THR A 239 -11.16 7.74 -7.69
CA THR A 239 -11.24 8.30 -8.83
CA THR A 239 -11.34 8.28 -9.05
CA THR A 239 -11.38 8.33 -9.00
C THR A 239 -12.60 7.98 -9.45
C THR A 239 -12.68 7.97 -9.71
C THR A 239 -12.76 7.96 -9.53
N LEU A 240 -13.11 6.77 -9.26
N LEU A 240 -13.22 6.78 -9.48
N LEU A 240 -13.15 6.70 -9.39
CA LEU A 240 -14.42 6.40 -9.79
CA LEU A 240 -14.54 6.44 -10.02
CA LEU A 240 -14.47 6.26 -9.80
C LEU A 240 -15.57 6.85 -8.90
C LEU A 240 -15.64 7.24 -9.33
C LEU A 240 -15.59 6.87 -8.95
N GLY A 241 -15.29 7.62 -7.84
N GLY A 241 -15.46 7.55 -8.05
N GLY A 241 -15.25 7.54 -7.86
CA GLY A 241 -16.34 8.12 -6.97
CA GLY A 241 -16.47 8.23 -7.27
CA GLY A 241 -16.25 8.11 -6.98
C GLY A 241 -16.97 7.10 -6.06
C GLY A 241 -17.22 7.33 -6.30
C GLY A 241 -16.92 7.13 -6.07
N LYS A 242 -16.41 5.89 -5.99
N LYS A 242 -16.67 6.17 -5.96
N LYS A 242 -16.38 5.92 -5.93
CA LYS A 242 -17.04 4.84 -5.20
CA LYS A 242 -17.37 5.19 -5.14
CA LYS A 242 -17.03 4.88 -5.13
C LYS A 242 -16.86 5.07 -3.70
C LYS A 242 -17.06 5.33 -3.65
C LYS A 242 -16.91 5.13 -3.64
N THR A 243 -15.82 5.78 -3.30
N THR A 243 -15.95 5.95 -3.28
N THR A 243 -15.89 5.87 -3.21
CA THR A 243 -15.53 5.94 -1.88
CA THR A 243 -15.58 6.08 -1.88
CA THR A 243 -15.69 6.09 -1.78
C THR A 243 -14.59 7.13 -1.70
C THR A 243 -14.86 7.40 -1.67
C THR A 243 -14.83 7.34 -1.59
N THR A 244 -14.44 7.55 -0.45
N THR A 244 -14.48 7.66 -0.42
N THR A 244 -14.58 7.67 -0.33
CA THR A 244 -13.62 8.68 -0.07
CA THR A 244 -13.69 8.81 -0.02
CA THR A 244 -13.77 8.81 0.05
C THR A 244 -12.48 8.21 0.83
C THR A 244 -12.47 8.32 0.74
C THR A 244 -12.56 8.33 0.84
N ALA A 245 -11.61 9.13 1.22
N ALA A 245 -11.58 9.25 1.09
N ALA A 245 -11.53 9.19 0.92
CA ALA A 245 -10.48 8.78 2.05
CA ALA A 245 -10.38 8.87 1.82
CA ALA A 245 -10.33 8.83 1.66
C ALA A 245 -10.94 8.27 3.41
C ALA A 245 -10.70 8.36 3.21
C ALA A 245 -10.66 8.38 3.07
N ALA A 246 -11.94 8.93 4.01
N ALA A 246 -11.76 8.88 3.84
N ALA A 246 -11.67 8.97 3.68
CA ALA A 246 -12.33 8.62 5.38
CA ALA A 246 -12.06 8.51 5.22
CA ALA A 246 -12.01 8.63 5.06
C ALA A 246 -12.99 7.25 5.51
C ALA A 246 -12.66 7.12 5.32
C ALA A 246 -12.61 7.23 5.17
N SER A 247 -13.42 6.64 4.40
N SER A 247 -13.37 6.66 4.29
N SER A 247 -13.49 6.87 4.23
CA SER A 247 -14.12 5.36 4.46
CA SER A 247 -14.09 5.39 4.34
CA SER A 247 -14.28 5.65 4.32
C SER A 247 -13.57 4.31 3.51
C SER A 247 -13.58 4.38 3.34
C SER A 247 -13.80 4.56 3.35
N ALA A 248 -12.49 4.62 2.78
N ALA A 248 -12.44 4.62 2.70
N ALA A 248 -12.58 4.68 2.83
CA ALA A 248 -12.02 3.70 1.74
CA ALA A 248 -11.95 3.71 1.66
CA ALA A 248 -12.16 3.79 1.76
C ALA A 248 -11.63 2.35 2.30
C ALA A 248 -11.65 2.33 2.23
C ALA A 248 -11.79 2.40 2.29
N CYS A 249 -11.04 2.32 3.51
N CYS A 249 -11.01 2.28 3.40
N CYS A 249 -11.02 2.34 3.37
CA CYS A 249 -10.73 1.04 4.14
CA CYS A 249 -10.66 0.99 4.00
CA CYS A 249 -10.63 1.04 3.92
C CYS A 249 -11.99 0.25 4.42
C CYS A 249 -11.91 0.18 4.30
C CYS A 249 -11.86 0.20 4.23
N ARG A 250 -13.03 0.91 4.91
N ARG A 250 -12.97 0.84 4.78
N ARG A 250 -12.85 0.81 4.88
CA ARG A 250 -14.31 0.25 5.16
CA ARG A 250 -14.20 0.14 5.12
CA ARG A 250 -14.10 0.10 5.17
C ARG A 250 -14.92 -0.26 3.86
C ARG A 250 -14.88 -0.43 3.89
C ARG A 250 -14.79 -0.34 3.88
N TYR A 251 -14.87 0.56 2.80
N TYR A 251 -14.95 0.35 2.80
N TYR A 251 -14.70 0.48 2.82
CA TYR A 251 -15.42 0.14 1.51
CA TYR A 251 -15.57 -0.13 1.58
CA TYR A 251 -15.38 0.16 1.58
C TYR A 251 -14.69 -1.10 1.00
C TYR A 251 -14.75 -1.24 0.95
C TYR A 251 -14.69 -1.01 0.86
N ILE A 252 -13.35 -1.04 0.93
N ILE A 252 -13.42 -1.13 0.99
N ILE A 252 -13.36 -1.02 0.85
CA ILE A 252 -12.57 -2.16 0.44
CA ILE A 252 -12.56 -2.18 0.48
CA ILE A 252 -12.63 -2.15 0.28
C ILE A 252 -12.96 -3.45 1.16
C ILE A 252 -12.82 -3.48 1.22
C ILE A 252 -12.97 -3.42 1.06
N ALA A 253 -13.18 -3.36 2.48
N ALA A 253 -13.15 -3.41 2.51
N ALA A 253 -12.96 -3.34 2.39
CA ALA A 253 -13.64 -4.53 3.22
CA ALA A 253 -13.43 -4.61 3.28
CA ALA A 253 -13.20 -4.53 3.20
C ALA A 253 -15.07 -4.90 2.85
C ALA A 253 -14.82 -5.16 2.97
C ALA A 253 -14.61 -5.08 2.99
N ASP A 254 -15.94 -3.89 2.66
N ASP A 254 -15.79 -4.27 2.76
N ASP A 254 -15.59 -4.19 2.80
CA ASP A 254 -17.33 -4.17 2.34
CA ASP A 254 -17.16 -4.72 2.49
CA ASP A 254 -16.96 -4.67 2.61
C ASP A 254 -17.47 -4.97 1.05
C ASP A 254 -17.26 -5.41 1.14
C ASP A 254 -17.16 -5.29 1.23
N THR A 255 -16.51 -4.83 0.12
N THR A 255 -16.57 -4.87 0.13
N THR A 255 -16.47 -4.78 0.22
CA THR A 255 -16.61 -5.42 -1.20
CA THR A 255 -16.63 -5.39 -1.23
CA THR A 255 -16.59 -5.27 -1.15
C THR A 255 -15.55 -6.48 -1.47
C THR A 255 -15.55 -6.41 -1.54
C THR A 255 -15.59 -6.38 -1.47
N ALA A 256 -14.78 -6.86 -0.46
N ALA A 256 -14.84 -6.89 -0.53
N ALA A 256 -14.82 -6.83 -0.49
CA ALA A 256 -13.71 -7.83 -0.65
CA ALA A 256 -13.75 -7.83 -0.74
CA ALA A 256 -13.75 -7.78 -0.73
C ALA A 256 -14.28 -9.23 -0.84
C ALA A 256 -14.29 -9.24 -0.97
C ALA A 256 -14.30 -9.16 -1.07
N ASN A 257 -13.46 -10.10 -1.45
N ASN A 257 -13.42 -10.11 -1.48
N ASN A 257 -13.42 -10.03 -1.54
CA ASN A 257 -13.79 -11.52 -1.47
CA ASN A 257 -13.71 -11.54 -1.55
CA ASN A 257 -13.73 -11.45 -1.66
C ASN A 257 -13.68 -12.09 -0.07
C ASN A 257 -13.55 -12.15 -0.17
C ASN A 257 -13.58 -12.09 -0.28
N LYS A 258 -14.66 -12.92 0.30
N LYS A 258 -14.62 -12.71 0.36
N LYS A 258 -14.69 -12.62 0.25
CA LYS A 258 -14.82 -13.38 1.68
CA LYS A 258 -14.67 -13.11 1.76
CA LYS A 258 -14.77 -13.03 1.65
C LYS A 258 -14.64 -14.88 1.78
C LYS A 258 -14.68 -14.63 1.89
C LYS A 258 -14.93 -14.54 1.72
N GLY A 259 -13.87 -15.32 2.77
N GLY A 259 -13.76 -15.16 2.69
N GLY A 259 -13.99 -15.21 2.39
CA GLY A 259 -13.72 -16.72 3.09
CA GLY A 259 -13.71 -16.58 2.97
CA GLY A 259 -14.05 -16.64 2.59
C GLY A 259 -12.82 -17.52 2.19
C GLY A 259 -12.91 -17.41 2.00
C GLY A 259 -13.25 -17.47 1.62
N ASP A 260 -12.16 -16.89 1.21
N ASP A 260 -12.22 -16.79 1.05
N ASP A 260 -12.20 -16.92 1.00
CA ASP A 260 -11.41 -17.65 0.22
CA ASP A 260 -11.47 -17.52 0.04
CA ASP A 260 -11.38 -17.64 0.04
C ASP A 260 -9.99 -18.01 0.66
C ASP A 260 -10.07 -17.91 0.48
C ASP A 260 -10.01 -18.03 0.58
N LEU A 261 -9.47 -17.36 1.68
N LEU A 261 -9.61 -17.42 1.62
N LEU A 261 -9.62 -17.56 1.75
CA LEU A 261 -8.10 -17.59 2.11
CA LEU A 261 -8.23 -17.64 2.07
CA LEU A 261 -8.25 -17.71 2.24
C LEU A 261 -8.02 -18.72 3.13
C LEU A 261 -8.17 -18.78 3.08
C LEU A 261 -8.14 -18.89 3.19
N SER A 262 -6.95 -19.50 3.04
N SER A 262 -7.01 -19.45 3.11
N SER A 262 -6.98 -19.54 3.17
CA SER A 262 -6.67 -20.57 3.98
CA SER A 262 -6.69 -20.47 4.10
CA SER A 262 -6.60 -20.54 4.14
C SER A 262 -5.52 -20.18 4.90
C SER A 262 -5.52 -19.98 4.95
C SER A 262 -5.45 -20.02 4.99
N ASN A 263 -5.40 -20.92 6.01
N ASN A 263 -5.16 -20.79 5.94
N ASN A 263 -5.13 -20.76 6.05
CA ASN A 263 -4.40 -20.63 7.04
CA ASN A 263 -4.06 -20.46 6.86
CA ASN A 263 -4.06 -20.38 6.97
C ASN A 263 -4.62 -19.26 7.66
C ASN A 263 -4.37 -19.20 7.66
C ASN A 263 -4.36 -19.07 7.69
N ILE A 264 -5.88 -18.95 7.96
N ILE A 264 -5.64 -18.98 7.96
N ILE A 264 -5.64 -18.84 7.98
CA ILE A 264 -6.26 -17.72 8.63
CA ILE A 264 -6.10 -17.80 8.69
CA ILE A 264 -6.11 -17.63 8.65
C ILE A 264 -6.54 -18.05 10.09
C ILE A 264 -6.39 -18.21 10.12
C ILE A 264 -6.51 -18.02 10.08
N PRO A 265 -5.79 -17.50 11.05
N PRO A 265 -5.70 -17.67 11.12
N PRO A 265 -5.77 -17.58 11.10
CA PRO A 265 -6.07 -17.80 12.46
CA PRO A 265 -6.03 -18.00 12.51
CA PRO A 265 -6.13 -17.96 12.48
C PRO A 265 -7.41 -17.23 12.88
C PRO A 265 -7.40 -17.44 12.90
C PRO A 265 -7.45 -17.35 12.91
N PHE A 266 -7.99 -17.85 13.91
N PHE A 266 -8.04 -18.13 13.83
N PHE A 266 -8.11 -18.04 13.83
CA PHE A 266 -9.25 -17.35 14.47
CA PHE A 266 -9.33 -17.69 14.32
CA PHE A 266 -9.37 -17.57 14.39
C PHE A 266 -9.06 -15.93 14.97
C PHE A 266 -9.23 -16.29 14.92
C PHE A 266 -9.19 -16.21 15.04
N GLY A 267 -10.09 -15.11 14.83
N GLY A 267 -10.19 -15.44 14.58
N GLY A 267 -10.00 -15.23 14.61
CA GLY A 267 -10.01 -13.71 15.18
CA GLY A 267 -10.19 -14.06 15.00
CA GLY A 267 -9.89 -13.87 15.09
C GLY A 267 -9.48 -12.81 14.08
C GLY A 267 -9.68 -13.09 13.97
C GLY A 267 -9.33 -12.90 14.07
N THR A 268 -8.88 -13.37 13.05
N THR A 268 -8.85 -13.56 13.03
N THR A 268 -9.05 -13.34 12.85
CA THR A 268 -8.38 -12.62 11.91
CA THR A 268 -8.35 -12.71 11.96
CA THR A 268 -8.53 -12.49 11.78
C THR A 268 -9.39 -12.66 10.77
C THR A 268 -9.36 -12.62 10.83
C THR A 268 -9.52 -12.50 10.62
N VAL A 269 -9.59 -11.51 10.13
N VAL A 269 -9.42 -11.45 10.19
N VAL A 269 -9.65 -11.35 9.96
CA VAL A 269 -10.54 -11.43 9.03
CA VAL A 269 -10.36 -11.23 9.11
CA VAL A 269 -10.58 -11.23 8.84
C VAL A 269 -10.09 -12.34 7.89
C VAL A 269 -9.94 -12.06 7.90
C VAL A 269 -10.10 -12.09 7.68
N ASN A 270 -11.05 -12.84 7.13
N ASN A 270 -10.91 -12.61 7.18
N ASN A 270 -11.04 -12.76 7.01
CA ASN A 270 -10.80 -13.60 5.91
CA ASN A 270 -10.68 -13.38 5.96
CA ASN A 270 -10.76 -13.54 5.81
C ASN A 270 -11.37 -12.78 4.76
C ASN A 270 -11.32 -12.59 4.81
C ASN A 270 -11.26 -12.77 4.60
N LEU A 271 -10.62 -11.75 4.36
N LEU A 271 -10.62 -11.53 4.40
N LEU A 271 -10.62 -11.63 4.34
CA LEU A 271 -11.03 -10.79 3.34
CA LEU A 271 -11.08 -10.65 3.32
CA LEU A 271 -11.01 -10.70 3.29
C LEU A 271 -9.88 -10.58 2.37
C LEU A 271 -9.92 -10.41 2.37
C LEU A 271 -9.83 -10.43 2.38
N LEU A 272 -10.20 -10.55 1.08
N LEU A 272 -10.18 -10.57 1.07
N LEU A 272 -10.02 -10.63 1.08
CA LEU A 272 -9.20 -10.41 0.02
CA LEU A 272 -9.16 -10.42 0.04
CA LEU A 272 -9.00 -10.37 0.07
C LEU A 272 -9.61 -9.27 -0.90
C LEU A 272 -9.55 -9.29 -0.90
C LEU A 272 -9.48 -9.24 -0.83
N ALA A 273 -8.70 -8.31 -1.09
N ALA A 273 -8.65 -8.33 -1.09
N ALA A 273 -8.66 -8.20 -0.97
CA ALA A 273 -9.00 -7.13 -1.89
CA ALA A 273 -8.93 -7.16 -1.90
CA ALA A 273 -9.08 -7.00 -1.71
C ALA A 273 -9.51 -7.51 -3.27
C ALA A 273 -9.53 -7.56 -3.24
C ALA A 273 -9.48 -7.35 -3.13
N TYR A 274 -10.54 -6.80 -3.72
N TYR A 274 -10.46 -6.73 -3.73
N TYR A 274 -10.58 -6.75 -3.59
CA TYR A 274 -11.20 -7.07 -4.99
CA TYR A 274 -11.20 -7.03 -4.95
CA TYR A 274 -11.19 -7.02 -4.88
C TYR A 274 -11.72 -5.76 -5.56
C TYR A 274 -11.72 -5.73 -5.54
C TYR A 274 -11.71 -5.72 -5.47
N ASN A 275 -11.42 -5.50 -6.84
N ASN A 275 -11.43 -5.49 -6.81
N ASN A 275 -11.46 -5.49 -6.76
CA ASN A 275 -11.77 -4.22 -7.44
CA ASN A 275 -11.77 -4.22 -7.44
CA ASN A 275 -11.79 -4.22 -7.38
C ASN A 275 -13.20 -4.17 -7.96
C ASN A 275 -13.21 -4.17 -7.96
C ASN A 275 -13.19 -4.18 -7.98
N ASN A 276 -13.92 -5.30 -7.96
CA ASN A 276 -15.34 -5.34 -8.30
C ASN A 276 -15.62 -4.81 -9.70
N TYR A 277 -14.66 -4.93 -10.62
N TYR A 277 -14.67 -4.95 -10.62
N TYR A 277 -14.66 -4.93 -10.62
CA TYR A 277 -14.88 -4.51 -11.99
CA TYR A 277 -14.87 -4.51 -11.99
CA TYR A 277 -14.88 -4.51 -11.99
C TYR A 277 -15.68 -5.56 -12.74
C TYR A 277 -15.66 -5.56 -12.76
C TYR A 277 -15.69 -5.56 -12.73
N GLN A 278 -16.71 -5.11 -13.45
CA GLN A 278 -17.52 -5.97 -14.32
C GLN A 278 -17.56 -5.27 -15.67
N ALA A 279 -16.80 -5.78 -16.64
CA ALA A 279 -16.62 -5.10 -17.92
C ALA A 279 -17.97 -4.88 -18.61
N ALA B 1 14.45 2.43 18.70
CA ALA B 1 14.25 3.78 18.13
C ALA B 1 14.15 3.71 16.61
N ALA B 2 14.12 2.49 16.05
CA ALA B 2 14.29 2.30 14.62
C ALA B 2 13.16 1.46 14.03
N ALA B 3 12.71 1.86 12.84
CA ALA B 3 11.80 1.09 12.02
C ALA B 3 12.52 0.64 10.75
N SER B 4 11.98 -0.39 10.13
CA SER B 4 12.65 -1.05 9.01
C SER B 4 11.66 -1.36 7.91
N VAL B 5 12.19 -1.64 6.71
CA VAL B 5 11.35 -2.09 5.61
C VAL B 5 10.82 -3.49 5.93
N LYS B 6 9.70 -3.82 5.30
CA LYS B 6 9.04 -5.09 5.56
C LYS B 6 8.83 -5.89 4.27
S SO4 C . 3.77 -14.22 -12.36
O1 SO4 C . 4.77 -14.47 -11.33
O2 SO4 C . 4.42 -13.86 -13.61
O3 SO4 C . 2.96 -15.42 -12.56
O4 SO4 C . 2.90 -13.12 -11.93
CA CA D . -9.68 0.68 9.85
CA CA D . -5.84 -0.92 11.55
CA CA D . -8.77 -2.08 12.20
S SO4 E . -21.42 0.02 -6.05
O1 SO4 E . -20.70 1.02 -5.27
O2 SO4 E . -20.47 -0.68 -6.92
O3 SO4 E . -22.05 -0.95 -5.15
O4 SO4 E . -22.45 0.66 -6.86
S SO4 F . -7.27 -15.66 -17.96
O1 SO4 F . -6.04 -15.89 -17.22
O2 SO4 F . -8.11 -16.86 -17.91
O3 SO4 F . -6.94 -15.35 -19.35
O4 SO4 F . -8.00 -14.54 -17.38
S SO4 G . 6.26 5.80 22.92
O1 SO4 G . 6.29 6.43 24.24
O2 SO4 G . 7.61 5.34 22.59
O3 SO4 G . 5.35 4.66 22.94
O4 SO4 G . 5.83 6.77 21.93
#